data_4IJQ
#
_entry.id   4IJQ
#
_cell.length_a   56.505
_cell.length_b   127.741
_cell.length_c   64.756
_cell.angle_alpha   90.00
_cell.angle_beta   102.01
_cell.angle_gamma   90.00
#
_symmetry.space_group_name_H-M   'P 1 21 1'
#
loop_
_entity.id
_entity.type
_entity.pdbx_description
1 polymer 'Hypoxanthine-guanine phosphoribosyltransferase'
2 non-polymer '[{2-[(guanine-9-yl)methyl]propane-1,3-diyl}bis(oxymethylene)]bis(phosphonic acid)'
3 non-polymer 'SULFATE ION'
4 non-polymer 'MAGNESIUM ION'
5 water water
#
_entity_poly.entity_id   1
_entity_poly.type   'polypeptide(L)'
_entity_poly.pdbx_seq_one_letter_code
;HHHHHHATRSPGVVISDDEPGYDLDLFCIPNHYAEDLERVFIPHGLIMDRTERLARDVMKEMGGHHIVALCVLKGGYKFF
ADLLDYIKALNRNSDRSIPMTVDFIRLKSYCNDQSTGDIKVIGGDDLSTLTGKNVLIVEDIIDTGKTMQTLLSLVRQYNP
KMVKVASLLVKRTPRSVGYKPDFVGFEIPDKFVVGYALDYNEYFRDLNHVCVISETGKAKYKA
;
_entity_poly.pdbx_strand_id   A,B,C,D
#
# COMPACT_ATOMS: atom_id res chain seq x y z
N SER A 10 -21.34 -7.63 14.64
CA SER A 10 -22.12 -6.93 13.62
C SER A 10 -22.45 -7.86 12.46
N PRO A 11 -23.48 -7.51 11.68
CA PRO A 11 -23.81 -8.24 10.45
C PRO A 11 -22.84 -7.84 9.33
N GLY A 12 -21.96 -6.90 9.61
CA GLY A 12 -21.01 -6.39 8.62
C GLY A 12 -21.51 -5.12 7.96
N VAL A 13 -20.88 -4.72 6.87
CA VAL A 13 -21.34 -3.54 6.11
C VAL A 13 -22.55 -3.99 5.27
N VAL A 14 -23.70 -3.45 5.56
CA VAL A 14 -24.92 -3.88 4.89
C VAL A 14 -25.07 -3.15 3.57
N ILE A 15 -25.12 -3.90 2.49
CA ILE A 15 -25.37 -3.30 1.18
C ILE A 15 -26.82 -3.57 0.74
N SER A 16 -27.58 -2.52 0.50
CA SER A 16 -29.01 -2.64 0.21
C SER A 16 -29.36 -3.31 -1.12
N ASP A 17 -30.58 -3.84 -1.20
CA ASP A 17 -31.09 -4.46 -2.40
C ASP A 17 -31.07 -3.50 -3.57
N ASP A 18 -31.21 -2.22 -3.28
CA ASP A 18 -31.31 -1.21 -4.33
C ASP A 18 -30.01 -0.42 -4.55
N GLU A 19 -28.92 -0.88 -3.94
CA GLU A 19 -27.62 -0.30 -4.21
C GLU A 19 -27.34 -0.34 -5.72
N PRO A 20 -27.17 0.83 -6.35
CA PRO A 20 -26.93 0.92 -7.80
C PRO A 20 -25.51 0.51 -8.21
N GLY A 21 -24.58 0.49 -7.26
CA GLY A 21 -23.16 0.31 -7.57
C GLY A 21 -22.54 1.54 -8.22
N TYR A 22 -21.33 1.39 -8.78
CA TYR A 22 -20.65 2.50 -9.45
C TYR A 22 -20.42 2.28 -10.96
N ASP A 23 -20.56 3.35 -11.72
CA ASP A 23 -20.24 3.38 -13.15
C ASP A 23 -18.80 2.90 -13.29
N LEU A 24 -18.54 1.97 -14.21
CA LEU A 24 -17.19 1.42 -14.42
C LEU A 24 -16.19 2.54 -14.76
N ASP A 25 -16.70 3.57 -15.43
CA ASP A 25 -15.90 4.68 -15.95
C ASP A 25 -15.22 5.50 -14.87
N LEU A 26 -15.60 5.29 -13.61
CA LEU A 26 -15.10 6.10 -12.49
C LEU A 26 -13.90 5.41 -11.84
N PHE A 27 -13.63 4.18 -12.26
CA PHE A 27 -12.53 3.41 -11.71
C PHE A 27 -11.63 2.85 -12.79
N CYS A 28 -10.49 2.32 -12.35
CA CYS A 28 -9.52 1.65 -13.20
C CYS A 28 -9.91 0.19 -13.23
N ILE A 29 -10.17 -0.30 -14.43
CA ILE A 29 -10.52 -1.70 -14.56
C ILE A 29 -9.79 -2.30 -15.75
N PRO A 30 -9.53 -3.60 -15.71
CA PRO A 30 -8.77 -4.20 -16.82
C PRO A 30 -9.54 -4.09 -18.14
N ASN A 31 -8.83 -3.68 -19.18
CA ASN A 31 -9.38 -3.59 -20.54
C ASN A 31 -10.14 -4.81 -21.05
N HIS A 32 -9.63 -6.00 -20.75
CA HIS A 32 -10.19 -7.21 -21.31
C HIS A 32 -11.54 -7.54 -20.68
N TYR A 33 -11.98 -6.71 -19.72
CA TYR A 33 -13.26 -6.91 -19.04
C TYR A 33 -14.20 -5.71 -19.26
N ALA A 34 -13.74 -4.73 -20.01
CA ALA A 34 -14.48 -3.50 -20.25
C ALA A 34 -15.95 -3.75 -20.65
N GLU A 35 -16.20 -4.72 -21.53
CA GLU A 35 -17.55 -5.01 -21.97
C GLU A 35 -18.29 -6.08 -21.11
N ASP A 36 -17.60 -6.67 -20.13
CA ASP A 36 -18.12 -7.87 -19.45
C ASP A 36 -18.64 -7.64 -18.04
N LEU A 37 -18.55 -6.41 -17.56
CA LEU A 37 -19.04 -6.04 -16.23
C LEU A 37 -20.11 -4.98 -16.38
N GLU A 38 -21.05 -4.93 -15.45
CA GLU A 38 -22.14 -3.95 -15.53
C GLU A 38 -21.85 -2.74 -14.61
N ARG A 39 -21.53 -3.02 -13.36
CA ARG A 39 -21.16 -1.99 -12.39
C ARG A 39 -20.08 -2.54 -11.46
N VAL A 40 -19.32 -1.64 -10.86
CA VAL A 40 -18.52 -2.01 -9.69
C VAL A 40 -19.44 -1.97 -8.48
N PHE A 41 -19.40 -3.05 -7.69
CA PHE A 41 -20.32 -3.22 -6.58
C PHE A 41 -19.62 -2.85 -5.27
N ILE A 42 -18.44 -3.41 -5.02
CA ILE A 42 -17.64 -3.01 -3.86
C ILE A 42 -16.22 -2.70 -4.30
N PRO A 43 -15.82 -1.42 -4.24
CA PRO A 43 -14.48 -0.95 -4.60
C PRO A 43 -13.41 -1.69 -3.78
N HIS A 44 -12.31 -2.12 -4.43
CA HIS A 44 -11.18 -2.75 -3.74
C HIS A 44 -10.83 -2.01 -2.44
N GLY A 45 -10.70 -0.70 -2.50
CA GLY A 45 -10.28 0.05 -1.31
C GLY A 45 -11.21 -0.04 -0.09
N LEU A 46 -12.51 -0.14 -0.37
CA LEU A 46 -13.52 -0.32 0.68
C LEU A 46 -13.34 -1.69 1.29
N ILE A 47 -13.03 -2.69 0.47
CA ILE A 47 -12.76 -4.01 0.98
C ILE A 47 -11.55 -4.00 1.96
N MET A 48 -10.50 -3.26 1.58
CA MET A 48 -9.30 -3.14 2.42
C MET A 48 -9.64 -2.44 3.73
N ASP A 49 -10.37 -1.34 3.63
CA ASP A 49 -10.77 -0.64 4.85
C ASP A 49 -11.54 -1.54 5.80
N ARG A 50 -12.49 -2.31 5.26
CA ARG A 50 -13.30 -3.17 6.12
C ARG A 50 -12.44 -4.31 6.67
N THR A 51 -11.58 -4.86 5.82
CA THR A 51 -10.69 -5.93 6.26
C THR A 51 -9.74 -5.49 7.38
N GLU A 52 -9.26 -4.24 7.34
CA GLU A 52 -8.43 -3.72 8.42
C GLU A 52 -9.18 -3.81 9.76
N ARG A 53 -10.46 -3.41 9.76
CA ARG A 53 -11.24 -3.50 11.01
C ARG A 53 -11.49 -4.97 11.42
N LEU A 54 -11.68 -5.85 10.46
CA LEU A 54 -11.91 -7.28 10.78
C LEU A 54 -10.68 -7.87 11.48
N ALA A 55 -9.51 -7.47 11.02
CA ALA A 55 -8.26 -8.00 11.59
C ALA A 55 -8.18 -7.60 13.06
N ARG A 56 -8.63 -6.39 13.35
CA ARG A 56 -8.66 -5.97 14.75
C ARG A 56 -9.72 -6.72 15.57
N ASP A 57 -10.83 -7.06 14.93
CA ASP A 57 -11.85 -7.89 15.58
C ASP A 57 -11.32 -9.29 15.87
N VAL A 58 -10.58 -9.86 14.92
CA VAL A 58 -10.02 -11.20 15.11
C VAL A 58 -9.05 -11.19 16.29
N MET A 59 -8.19 -10.16 16.32
CA MET A 59 -7.18 -9.98 17.37
C MET A 59 -7.85 -9.85 18.73
N LYS A 60 -8.99 -9.15 18.76
CA LYS A 60 -9.71 -8.99 20.02
C LYS A 60 -10.25 -10.32 20.54
N GLU A 61 -10.62 -11.20 19.62
CA GLU A 61 -11.31 -12.45 19.99
C GLU A 61 -10.35 -13.64 20.10
N MET A 62 -9.26 -13.62 19.33
CA MET A 62 -8.28 -14.70 19.30
C MET A 62 -6.88 -14.27 19.75
N GLY A 63 -6.75 -13.01 20.14
CA GLY A 63 -5.46 -12.37 20.39
C GLY A 63 -4.38 -13.08 21.20
N GLY A 64 -4.74 -13.80 22.24
CA GLY A 64 -3.70 -14.35 23.09
C GLY A 64 -3.28 -15.77 22.81
N HIS A 65 -3.37 -16.21 21.55
CA HIS A 65 -3.21 -17.62 21.24
C HIS A 65 -2.68 -17.89 19.83
N HIS A 66 -2.13 -19.10 19.65
CA HIS A 66 -1.70 -19.56 18.33
C HIS A 66 -2.94 -19.96 17.54
N ILE A 67 -3.01 -19.53 16.29
CA ILE A 67 -4.08 -20.01 15.42
C ILE A 67 -3.54 -20.61 14.13
N VAL A 68 -4.29 -21.56 13.59
CA VAL A 68 -4.09 -22.03 12.23
C VAL A 68 -5.09 -21.30 11.34
N ALA A 69 -4.57 -20.44 10.46
CA ALA A 69 -5.39 -19.74 9.49
C ALA A 69 -5.62 -20.66 8.30
N LEU A 70 -6.87 -21.04 8.07
CA LEU A 70 -7.18 -21.98 7.00
C LEU A 70 -7.88 -21.27 5.82
N CYS A 71 -7.23 -21.26 4.66
CA CYS A 71 -7.78 -20.57 3.47
C CYS A 71 -8.62 -21.50 2.60
N VAL A 72 -9.88 -21.13 2.32
CA VAL A 72 -10.68 -21.93 1.40
C VAL A 72 -10.47 -21.47 -0.06
N LEU A 73 -9.63 -22.19 -0.78
CA LEU A 73 -9.34 -21.91 -2.18
C LEU A 73 -10.57 -22.17 -3.09
N LYS A 74 -10.67 -21.53 -4.26
CA LYS A 74 -9.65 -20.60 -4.76
C LYS A 74 -10.06 -19.20 -4.36
N GLY A 75 -11.38 -18.99 -4.30
CA GLY A 75 -11.94 -17.67 -4.06
C GLY A 75 -11.50 -16.94 -2.80
N GLY A 76 -11.09 -17.68 -1.78
CA GLY A 76 -10.75 -17.04 -0.52
C GLY A 76 -9.32 -16.48 -0.53
N TYR A 77 -8.59 -16.72 -1.60
CA TYR A 77 -7.16 -16.41 -1.59
C TYR A 77 -6.79 -14.92 -1.39
N LYS A 78 -7.52 -13.98 -1.99
CA LYS A 78 -7.19 -12.58 -1.84
C LYS A 78 -7.55 -12.07 -0.46
N PHE A 79 -8.77 -12.39 -0.03
CA PHE A 79 -9.21 -11.99 1.30
C PHE A 79 -8.25 -12.57 2.38
N PHE A 80 -7.80 -13.80 2.17
CA PHE A 80 -6.92 -14.49 3.13
C PHE A 80 -5.60 -13.74 3.23
N ALA A 81 -4.99 -13.46 2.08
CA ALA A 81 -3.69 -12.81 2.05
C ALA A 81 -3.83 -11.46 2.74
N ASP A 82 -4.90 -10.75 2.40
CA ASP A 82 -5.05 -9.39 2.90
C ASP A 82 -5.39 -9.35 4.39
N LEU A 83 -6.30 -10.23 4.82
CA LEU A 83 -6.66 -10.29 6.22
C LEU A 83 -5.41 -10.62 7.07
N LEU A 84 -4.60 -11.57 6.59
CA LEU A 84 -3.43 -11.99 7.34
C LEU A 84 -2.40 -10.88 7.34
N ASP A 85 -2.36 -10.10 6.26
CA ASP A 85 -1.42 -8.97 6.22
C ASP A 85 -1.76 -7.93 7.26
N TYR A 86 -3.05 -7.66 7.45
CA TYR A 86 -3.49 -6.71 8.48
C TYR A 86 -3.26 -7.27 9.88
N ILE A 87 -3.47 -8.57 10.06
CA ILE A 87 -3.14 -9.20 11.36
C ILE A 87 -1.64 -9.09 11.67
N LYS A 88 -0.81 -9.42 10.69
CA LYS A 88 0.65 -9.25 10.87
C LYS A 88 1.06 -7.80 11.22
N ALA A 89 0.38 -6.84 10.61
CA ALA A 89 0.63 -5.42 10.90
C ALA A 89 0.39 -5.16 12.39
N LEU A 90 -0.69 -5.71 12.94
CA LEU A 90 -0.96 -5.59 14.39
C LEU A 90 0.10 -6.34 15.20
N ASN A 91 0.46 -7.55 14.75
CA ASN A 91 1.44 -8.39 15.46
C ASN A 91 2.78 -7.71 15.65
N ARG A 92 3.16 -6.84 14.71
CA ARG A 92 4.52 -6.26 14.77
C ARG A 92 4.55 -4.83 15.29
N ASN A 93 3.37 -4.29 15.57
CA ASN A 93 3.25 -2.93 16.08
C ASN A 93 2.57 -2.84 17.45
N SER A 94 2.47 -3.97 18.12
CA SER A 94 1.75 -4.10 19.39
C SER A 94 2.49 -5.12 20.24
N ASP A 95 2.23 -5.13 21.55
CA ASP A 95 2.72 -6.19 22.42
C ASP A 95 1.76 -7.38 22.39
N ARG A 96 0.57 -7.16 21.83
CA ARG A 96 -0.41 -8.22 21.60
C ARG A 96 -0.06 -8.92 20.29
N SER A 97 -0.14 -10.25 20.27
CA SER A 97 0.29 -11.02 19.11
C SER A 97 -0.55 -12.29 18.90
N ILE A 98 -0.91 -12.56 17.64
CA ILE A 98 -1.48 -13.84 17.26
C ILE A 98 -0.47 -14.59 16.38
N PRO A 99 0.36 -15.48 16.98
CA PRO A 99 1.22 -16.29 16.10
C PRO A 99 0.38 -17.17 15.17
N MET A 100 0.78 -17.26 13.90
CA MET A 100 -0.04 -17.99 12.94
C MET A 100 0.73 -19.01 12.13
N THR A 101 0.09 -20.14 11.88
CA THR A 101 0.49 -21.03 10.82
C THR A 101 -0.64 -21.01 9.78
N VAL A 102 -0.36 -21.46 8.57
CA VAL A 102 -1.34 -21.36 7.49
C VAL A 102 -1.56 -22.70 6.80
N ASP A 103 -2.80 -22.92 6.38
CA ASP A 103 -3.09 -24.08 5.58
C ASP A 103 -4.15 -23.74 4.53
N PHE A 104 -4.23 -24.57 3.51
CA PHE A 104 -5.14 -24.33 2.41
C PHE A 104 -6.02 -25.56 2.17
N ILE A 105 -7.24 -25.32 1.71
CA ILE A 105 -8.05 -26.43 1.21
C ILE A 105 -9.01 -25.95 0.13
N ARG A 106 -9.34 -26.87 -0.77
CA ARG A 106 -10.27 -26.57 -1.83
C ARG A 106 -11.49 -27.48 -1.75
N LEU A 107 -12.66 -26.85 -1.86
CA LEU A 107 -13.94 -27.54 -1.88
C LEU A 107 -14.64 -27.28 -3.20
N LYS A 108 -15.56 -28.17 -3.58
CA LYS A 108 -16.44 -27.93 -4.71
C LYS A 108 -17.72 -28.77 -4.57
N ASP A 125 -3.09 -30.00 4.08
CA ASP A 125 -2.44 -30.97 4.95
C ASP A 125 -3.46 -31.77 5.73
N ASP A 126 -3.01 -32.85 6.35
CA ASP A 126 -3.91 -33.73 7.10
C ASP A 126 -4.68 -32.93 8.16
N LEU A 127 -6.00 -32.93 8.04
CA LEU A 127 -6.85 -32.23 8.98
C LEU A 127 -6.62 -32.72 10.41
N SER A 128 -5.90 -33.83 10.51
CA SER A 128 -5.43 -34.33 11.80
C SER A 128 -4.52 -33.30 12.47
N THR A 129 -3.90 -32.45 11.66
CA THR A 129 -2.99 -31.45 12.20
C THR A 129 -3.76 -30.29 12.86
N LEU A 130 -5.08 -30.42 12.91
CA LEU A 130 -5.92 -29.38 13.46
C LEU A 130 -6.36 -29.75 14.88
N THR A 131 -6.16 -31.01 15.26
CA THR A 131 -6.53 -31.50 16.59
C THR A 131 -5.96 -30.57 17.69
N GLY A 132 -6.83 -30.09 18.60
CA GLY A 132 -6.39 -29.23 19.69
C GLY A 132 -5.86 -27.85 19.30
N LYS A 133 -6.15 -27.42 18.08
CA LYS A 133 -5.69 -26.13 17.57
C LYS A 133 -6.84 -25.13 17.54
N ASN A 134 -6.50 -23.84 17.58
CA ASN A 134 -7.48 -22.78 17.34
C ASN A 134 -7.51 -22.48 15.84
N VAL A 135 -8.66 -22.68 15.23
CA VAL A 135 -8.72 -22.61 13.77
C VAL A 135 -9.57 -21.45 13.28
N LEU A 136 -9.02 -20.69 12.35
CA LEU A 136 -9.73 -19.57 11.74
C LEU A 136 -9.90 -19.93 10.29
N ILE A 137 -11.12 -20.22 9.88
CA ILE A 137 -11.40 -20.53 8.48
C ILE A 137 -11.71 -19.24 7.70
N VAL A 138 -11.06 -19.06 6.56
CA VAL A 138 -11.27 -17.83 5.81
C VAL A 138 -11.92 -18.10 4.45
N GLU A 139 -13.09 -17.51 4.23
CA GLU A 139 -13.90 -17.78 3.02
C GLU A 139 -14.21 -16.49 2.24
N ASP A 140 -14.39 -16.61 0.92
CA ASP A 140 -14.81 -15.47 0.13
C ASP A 140 -16.29 -15.13 0.32
N ILE A 141 -17.17 -16.13 0.23
CA ILE A 141 -18.60 -15.85 0.29
C ILE A 141 -19.45 -16.99 0.84
N ILE A 142 -20.45 -16.64 1.64
CA ILE A 142 -21.43 -17.59 2.12
C ILE A 142 -22.81 -17.22 1.51
N ASP A 143 -23.42 -18.17 0.80
CA ASP A 143 -24.74 -17.96 0.20
C ASP A 143 -25.79 -18.72 1.02
N THR A 144 -26.02 -20.01 0.74
CA THR A 144 -26.93 -20.79 1.58
C THR A 144 -26.33 -21.13 2.96
N GLY A 145 -25.00 -21.19 3.03
CA GLY A 145 -24.31 -21.64 4.24
C GLY A 145 -24.05 -23.15 4.25
N LYS A 146 -24.54 -23.83 3.23
CA LYS A 146 -24.47 -25.29 3.23
C LYS A 146 -23.03 -25.76 3.09
N THR A 147 -22.26 -25.10 2.23
CA THR A 147 -20.86 -25.45 2.07
C THR A 147 -20.06 -25.29 3.35
N MET A 148 -20.24 -24.15 4.04
CA MET A 148 -19.52 -23.89 5.28
C MET A 148 -19.89 -24.91 6.37
N GLN A 149 -21.19 -25.22 6.51
CA GLN A 149 -21.61 -26.22 7.51
C GLN A 149 -20.93 -27.56 7.25
N THR A 150 -20.88 -27.93 5.96
CA THR A 150 -20.22 -29.15 5.56
C THR A 150 -18.75 -29.10 5.93
N LEU A 151 -18.08 -28.02 5.58
CA LEU A 151 -16.66 -27.87 5.93
C LEU A 151 -16.48 -27.92 7.46
N LEU A 152 -17.36 -27.23 8.18
CA LEU A 152 -17.27 -27.24 9.63
C LEU A 152 -17.45 -28.64 10.24
N SER A 153 -18.39 -29.42 9.69
CA SER A 153 -18.56 -30.78 10.21
C SER A 153 -17.32 -31.65 9.95
N LEU A 154 -16.61 -31.40 8.86
CA LEU A 154 -15.38 -32.16 8.56
C LEU A 154 -14.23 -31.82 9.53
N VAL A 155 -13.95 -30.53 9.67
CA VAL A 155 -13.01 -30.03 10.69
C VAL A 155 -13.31 -30.55 12.09
N ARG A 156 -14.58 -30.46 12.49
CA ARG A 156 -14.92 -30.89 13.86
C ARG A 156 -14.65 -32.37 14.08
N GLN A 157 -14.53 -33.14 13.01
CA GLN A 157 -14.21 -34.57 13.14
C GLN A 157 -12.84 -34.74 13.76
N TYR A 158 -12.02 -33.70 13.71
CA TYR A 158 -10.66 -33.80 14.21
C TYR A 158 -10.45 -33.08 15.54
N ASN A 159 -11.56 -32.75 16.19
CA ASN A 159 -11.53 -32.16 17.52
C ASN A 159 -10.57 -30.97 17.66
N PRO A 160 -10.84 -29.90 16.91
CA PRO A 160 -10.08 -28.67 17.10
C PRO A 160 -10.42 -28.10 18.47
N LYS A 161 -9.55 -27.24 18.99
CA LYS A 161 -9.81 -26.59 20.27
C LYS A 161 -10.94 -25.56 20.11
N MET A 162 -11.02 -24.94 18.95
CA MET A 162 -11.98 -23.88 18.66
C MET A 162 -11.91 -23.57 17.18
N VAL A 163 -13.03 -23.14 16.61
CA VAL A 163 -13.12 -22.85 15.19
C VAL A 163 -13.96 -21.60 15.00
N LYS A 164 -13.41 -20.64 14.26
CA LYS A 164 -14.08 -19.40 13.92
C LYS A 164 -13.96 -19.26 12.43
N VAL A 165 -14.94 -18.58 11.83
CA VAL A 165 -15.06 -18.44 10.38
C VAL A 165 -15.16 -16.96 10.05
N ALA A 166 -14.35 -16.52 9.10
CA ALA A 166 -14.43 -15.17 8.55
C ALA A 166 -14.81 -15.27 7.07
N SER A 167 -15.84 -14.55 6.69
CA SER A 167 -16.28 -14.53 5.30
C SER A 167 -16.34 -13.09 4.85
N LEU A 168 -15.74 -12.80 3.70
CA LEU A 168 -15.75 -11.43 3.20
C LEU A 168 -17.18 -11.00 2.95
N LEU A 169 -17.97 -11.92 2.37
CA LEU A 169 -19.33 -11.63 1.93
C LEU A 169 -20.28 -12.64 2.49
N VAL A 170 -21.44 -12.16 2.94
CA VAL A 170 -22.56 -13.01 3.27
C VAL A 170 -23.80 -12.49 2.52
N LYS A 171 -24.49 -13.37 1.81
CA LYS A 171 -25.70 -12.98 1.08
C LYS A 171 -26.91 -12.95 1.99
N ARG A 172 -27.72 -11.89 1.85
CA ARG A 172 -29.05 -11.84 2.45
C ARG A 172 -29.93 -12.67 1.52
N THR A 173 -30.42 -13.80 2.00
CA THR A 173 -31.25 -14.64 1.15
C THR A 173 -32.15 -15.55 1.98
N PRO A 174 -33.42 -15.71 1.55
CA PRO A 174 -34.29 -16.67 2.25
C PRO A 174 -33.81 -18.10 2.11
N ARG A 175 -32.92 -18.35 1.16
CA ARG A 175 -32.33 -19.68 0.99
C ARG A 175 -31.23 -20.02 2.01
N SER A 176 -30.88 -19.08 2.88
CA SER A 176 -29.87 -19.37 3.91
C SER A 176 -30.38 -20.45 4.86
N VAL A 177 -29.52 -21.38 5.26
CA VAL A 177 -29.92 -22.37 6.24
C VAL A 177 -29.87 -21.85 7.67
N GLY A 178 -29.41 -20.60 7.84
CA GLY A 178 -29.33 -20.02 9.17
C GLY A 178 -27.92 -19.97 9.76
N TYR A 179 -26.95 -20.49 9.02
CA TYR A 179 -25.56 -20.41 9.47
C TYR A 179 -25.00 -19.00 9.31
N LYS A 180 -24.43 -18.46 10.40
CA LYS A 180 -23.77 -17.15 10.34
C LYS A 180 -22.31 -17.27 10.78
N PRO A 181 -21.40 -16.65 10.03
CA PRO A 181 -19.96 -16.65 10.35
C PRO A 181 -19.66 -15.77 11.57
N ASP A 182 -18.50 -15.96 12.19
CA ASP A 182 -18.10 -15.12 13.30
C ASP A 182 -17.65 -13.71 12.87
N PHE A 183 -17.07 -13.60 11.68
CA PHE A 183 -16.59 -12.32 11.19
C PHE A 183 -17.14 -12.15 9.78
N VAL A 184 -17.74 -11.01 9.50
CA VAL A 184 -18.34 -10.75 8.18
C VAL A 184 -17.89 -9.40 7.65
N GLY A 185 -17.42 -9.36 6.41
CA GLY A 185 -17.07 -8.09 5.79
C GLY A 185 -18.30 -7.31 5.37
N PHE A 186 -19.05 -7.88 4.41
CA PHE A 186 -20.19 -7.21 3.82
C PHE A 186 -21.39 -8.17 3.72
N GLU A 187 -22.57 -7.64 3.99
CA GLU A 187 -23.81 -8.37 3.76
C GLU A 187 -24.45 -7.78 2.53
N ILE A 188 -24.58 -8.60 1.49
CA ILE A 188 -24.98 -8.16 0.17
C ILE A 188 -26.32 -8.76 -0.29
N PRO A 189 -26.93 -8.14 -1.31
CA PRO A 189 -28.18 -8.65 -1.89
C PRO A 189 -27.88 -9.98 -2.60
N ASP A 190 -28.91 -10.75 -2.90
CA ASP A 190 -28.74 -11.99 -3.66
C ASP A 190 -28.48 -11.67 -5.14
N LYS A 191 -27.29 -11.20 -5.44
CA LYS A 191 -26.89 -10.93 -6.81
C LYS A 191 -25.62 -11.73 -7.07
N PHE A 192 -25.40 -12.11 -8.33
CA PHE A 192 -24.17 -12.84 -8.64
C PHE A 192 -22.97 -11.89 -8.79
N VAL A 193 -22.00 -11.99 -7.90
CA VAL A 193 -20.83 -11.11 -7.94
C VAL A 193 -19.54 -11.84 -8.31
N VAL A 194 -18.60 -11.09 -8.88
CA VAL A 194 -17.29 -11.59 -9.27
C VAL A 194 -16.23 -10.56 -8.86
N GLY A 195 -14.95 -10.93 -8.97
CA GLY A 195 -13.87 -10.02 -8.63
C GLY A 195 -13.32 -10.29 -7.25
N TYR A 196 -12.17 -9.71 -6.95
CA TYR A 196 -11.51 -9.94 -5.67
C TYR A 196 -11.37 -11.45 -5.43
N ALA A 197 -11.01 -12.16 -6.49
CA ALA A 197 -10.83 -13.63 -6.47
C ALA A 197 -12.09 -14.48 -6.68
N LEU A 198 -13.29 -13.89 -6.59
CA LEU A 198 -14.50 -14.63 -6.95
C LEU A 198 -14.62 -14.75 -8.47
N ASP A 199 -14.98 -15.94 -8.95
CA ASP A 199 -14.99 -16.13 -10.40
C ASP A 199 -16.36 -16.44 -10.99
N TYR A 200 -16.39 -16.35 -12.32
CA TYR A 200 -17.45 -16.91 -13.11
C TYR A 200 -16.72 -17.81 -14.11
N ASN A 201 -16.90 -19.12 -13.99
CA ASN A 201 -16.13 -20.06 -14.82
C ASN A 201 -14.61 -19.76 -14.86
N GLU A 202 -14.03 -19.41 -13.71
CA GLU A 202 -12.59 -19.18 -13.56
C GLU A 202 -12.15 -17.79 -14.02
N TYR A 203 -13.02 -17.08 -14.74
CA TYR A 203 -12.74 -15.70 -15.13
C TYR A 203 -13.09 -14.71 -14.02
N PHE A 204 -12.57 -13.49 -14.14
CA PHE A 204 -12.82 -12.40 -13.18
C PHE A 204 -12.11 -12.51 -11.84
N ARG A 205 -11.23 -13.50 -11.67
CA ARG A 205 -10.44 -13.56 -10.45
C ARG A 205 -9.39 -12.43 -10.39
N ASP A 206 -8.88 -12.05 -11.56
CA ASP A 206 -7.83 -11.04 -11.74
C ASP A 206 -8.49 -9.67 -11.86
N LEU A 207 -9.34 -9.36 -10.91
CA LEU A 207 -10.10 -8.11 -10.87
C LEU A 207 -10.07 -7.75 -9.39
N ASN A 208 -9.62 -6.54 -9.08
CA ASN A 208 -9.46 -6.07 -7.71
C ASN A 208 -10.77 -5.70 -7.05
N HIS A 209 -11.72 -5.19 -7.83
CA HIS A 209 -13.00 -4.82 -7.26
C HIS A 209 -14.01 -5.97 -7.33
N VAL A 210 -14.97 -5.97 -6.42
CA VAL A 210 -16.11 -6.88 -6.61
C VAL A 210 -17.14 -6.22 -7.53
N CYS A 211 -17.58 -6.93 -8.56
CA CYS A 211 -18.45 -6.33 -9.54
C CYS A 211 -19.61 -7.26 -9.92
N VAL A 212 -20.58 -6.69 -10.63
CA VAL A 212 -21.70 -7.44 -11.18
C VAL A 212 -21.49 -7.61 -12.66
N ILE A 213 -21.59 -8.84 -13.11
CA ILE A 213 -21.30 -9.23 -14.50
C ILE A 213 -22.40 -8.78 -15.49
N SER A 214 -22.02 -8.39 -16.71
CA SER A 214 -22.98 -7.98 -17.73
C SER A 214 -23.46 -9.19 -18.55
N GLU A 215 -24.52 -8.98 -19.32
CA GLU A 215 -25.05 -10.02 -20.18
C GLU A 215 -24.03 -10.52 -21.19
N THR A 216 -23.29 -9.60 -21.81
CA THR A 216 -22.26 -10.02 -22.77
C THR A 216 -21.14 -10.81 -22.06
N GLY A 217 -20.87 -10.49 -20.79
CA GLY A 217 -19.86 -11.20 -20.04
C GLY A 217 -20.32 -12.59 -19.64
N LYS A 218 -21.59 -12.72 -19.26
CA LYS A 218 -22.17 -14.03 -18.93
C LYS A 218 -22.15 -14.95 -20.14
N ALA A 219 -22.40 -14.39 -21.31
CA ALA A 219 -22.39 -15.17 -22.55
C ALA A 219 -20.97 -15.43 -23.05
N LYS A 220 -20.09 -14.43 -22.96
CA LYS A 220 -18.73 -14.60 -23.43
C LYS A 220 -18.03 -15.72 -22.66
N TYR A 221 -18.26 -15.75 -21.34
CA TYR A 221 -17.49 -16.64 -20.49
C TYR A 221 -18.23 -17.89 -20.03
N LYS A 222 -19.41 -18.11 -20.57
CA LYS A 222 -20.26 -19.23 -20.16
C LYS A 222 -19.64 -20.59 -20.49
N ALA A 223 -19.91 -21.57 -19.63
CA ALA A 223 -19.43 -22.93 -19.83
C ALA A 223 -20.42 -23.73 -20.66
N SER B 10 -16.11 13.88 -16.32
CA SER B 10 -17.16 13.42 -15.41
C SER B 10 -17.40 14.45 -14.31
N PRO B 11 -18.58 14.38 -13.67
CA PRO B 11 -18.81 15.13 -12.44
C PRO B 11 -18.09 14.42 -11.29
N GLY B 12 -17.48 13.28 -11.58
CA GLY B 12 -16.86 12.47 -10.53
C GLY B 12 -17.85 11.47 -9.96
N VAL B 13 -17.46 10.78 -8.89
CA VAL B 13 -18.35 9.86 -8.18
C VAL B 13 -19.40 10.67 -7.42
N VAL B 14 -20.67 10.47 -7.76
CA VAL B 14 -21.72 11.28 -7.17
C VAL B 14 -22.27 10.65 -5.89
N ILE B 15 -22.15 11.35 -4.78
CA ILE B 15 -22.75 10.89 -3.54
C ILE B 15 -24.07 11.62 -3.29
N SER B 16 -25.18 10.89 -3.28
CA SER B 16 -26.52 11.47 -3.14
C SER B 16 -26.75 12.18 -1.81
N ASP B 17 -27.71 13.10 -1.80
CA ASP B 17 -28.10 13.84 -0.62
C ASP B 17 -28.57 12.92 0.52
N ASP B 18 -29.22 11.82 0.17
CA ASP B 18 -29.80 10.93 1.16
C ASP B 18 -28.86 9.81 1.65
N GLU B 19 -27.63 9.79 1.13
CA GLU B 19 -26.69 8.72 1.51
C GLU B 19 -26.38 8.74 3.01
N PRO B 20 -26.50 7.59 3.66
CA PRO B 20 -26.37 7.56 5.12
C PRO B 20 -24.93 7.45 5.60
N GLY B 21 -23.98 7.23 4.71
CA GLY B 21 -22.61 6.93 5.12
C GLY B 21 -22.56 5.67 5.97
N TYR B 22 -21.43 5.44 6.64
CA TYR B 22 -21.26 4.21 7.41
C TYR B 22 -21.13 4.42 8.92
N ASP B 23 -21.71 3.49 9.68
CA ASP B 23 -21.47 3.37 11.11
C ASP B 23 -19.95 3.34 11.37
N LEU B 24 -19.50 4.10 12.36
CA LEU B 24 -18.06 4.22 12.67
C LEU B 24 -17.51 2.87 13.15
N ASP B 25 -18.36 2.07 13.80
CA ASP B 25 -17.98 0.76 14.32
C ASP B 25 -17.54 -0.22 13.23
N LEU B 26 -17.81 0.11 11.96
CA LEU B 26 -17.47 -0.81 10.87
C LEU B 26 -16.06 -0.59 10.37
N PHE B 27 -15.43 0.48 10.83
CA PHE B 27 -14.09 0.82 10.39
C PHE B 27 -13.18 1.02 11.56
N CYS B 28 -11.88 1.05 11.29
CA CYS B 28 -10.90 1.45 12.27
C CYS B 28 -10.81 2.98 12.27
N ILE B 29 -11.00 3.56 13.44
CA ILE B 29 -11.05 5.01 13.63
C ILE B 29 -10.24 5.33 14.89
N PRO B 30 -9.48 6.45 14.87
CA PRO B 30 -8.71 6.84 16.07
C PRO B 30 -9.65 7.01 17.26
N ASN B 31 -9.25 6.49 18.42
CA ASN B 31 -10.12 6.58 19.58
C ASN B 31 -10.38 8.02 20.02
N HIS B 32 -9.42 8.92 19.76
CA HIS B 32 -9.59 10.31 20.16
C HIS B 32 -10.69 11.05 19.38
N TYR B 33 -11.17 10.45 18.28
CA TYR B 33 -12.32 11.01 17.52
C TYR B 33 -13.62 10.17 17.62
N ALA B 34 -13.66 9.17 18.49
CA ALA B 34 -14.79 8.23 18.54
C ALA B 34 -16.16 8.90 18.75
N GLU B 35 -16.19 9.96 19.56
CA GLU B 35 -17.46 10.64 19.83
C GLU B 35 -17.65 11.92 18.98
N ASP B 36 -16.62 12.26 18.20
CA ASP B 36 -16.58 13.52 17.45
C ASP B 36 -17.07 13.43 15.99
N LEU B 37 -17.41 12.21 15.57
CA LEU B 37 -17.82 11.95 14.19
C LEU B 37 -19.18 11.28 14.16
N GLU B 38 -19.97 11.59 13.14
CA GLU B 38 -21.32 11.04 13.02
C GLU B 38 -21.27 9.76 12.20
N ARG B 39 -20.67 9.84 11.01
CA ARG B 39 -20.56 8.68 10.14
C ARG B 39 -19.29 8.80 9.32
N VAL B 40 -18.84 7.67 8.78
CA VAL B 40 -17.83 7.68 7.72
C VAL B 40 -18.57 7.89 6.42
N PHE B 41 -18.03 8.77 5.59
CA PHE B 41 -18.75 9.22 4.42
C PHE B 41 -18.03 8.69 3.18
N ILE B 42 -16.70 8.82 3.16
CA ILE B 42 -15.91 8.27 2.06
C ILE B 42 -14.70 7.54 2.63
N PRO B 43 -14.74 6.20 2.58
CA PRO B 43 -13.64 5.42 3.15
C PRO B 43 -12.33 5.67 2.41
N HIS B 44 -11.23 5.69 3.16
CA HIS B 44 -9.91 5.99 2.61
C HIS B 44 -9.62 5.21 1.34
N GLY B 45 -9.89 3.91 1.38
CA GLY B 45 -9.61 3.02 0.26
C GLY B 45 -10.41 3.40 -0.98
N LEU B 46 -11.63 3.89 -0.79
CA LEU B 46 -12.44 4.37 -1.92
C LEU B 46 -11.82 5.66 -2.53
N ILE B 47 -11.32 6.53 -1.68
CA ILE B 47 -10.62 7.71 -2.18
C ILE B 47 -9.43 7.27 -3.02
N MET B 48 -8.69 6.26 -2.54
CA MET B 48 -7.51 5.76 -3.26
C MET B 48 -7.90 5.18 -4.63
N ASP B 49 -8.96 4.38 -4.67
CA ASP B 49 -9.43 3.78 -5.93
C ASP B 49 -9.85 4.86 -6.94
N ARG B 50 -10.52 5.90 -6.46
CA ARG B 50 -10.93 6.96 -7.36
C ARG B 50 -9.68 7.76 -7.81
N THR B 51 -8.79 8.04 -6.87
CA THR B 51 -7.55 8.75 -7.19
C THR B 51 -6.67 8.02 -8.22
N GLU B 52 -6.66 6.68 -8.19
CA GLU B 52 -5.94 5.92 -9.21
C GLU B 52 -6.49 6.25 -10.62
N ARG B 53 -7.81 6.34 -10.75
CA ARG B 53 -8.41 6.57 -12.06
C ARG B 53 -8.14 8.03 -12.46
N LEU B 54 -8.17 8.92 -11.47
CA LEU B 54 -7.83 10.33 -11.71
C LEU B 54 -6.43 10.49 -12.28
N ALA B 55 -5.47 9.74 -11.75
CA ALA B 55 -4.09 9.86 -12.21
C ALA B 55 -4.02 9.49 -13.68
N ARG B 56 -4.76 8.46 -14.06
CA ARG B 56 -4.73 8.05 -15.44
C ARG B 56 -5.39 9.09 -16.35
N ASP B 57 -6.45 9.75 -15.86
CA ASP B 57 -7.12 10.81 -16.63
C ASP B 57 -6.18 12.01 -16.82
N VAL B 58 -5.43 12.35 -15.77
CA VAL B 58 -4.41 13.41 -15.84
C VAL B 58 -3.30 13.05 -16.85
N MET B 59 -2.82 11.81 -16.77
CA MET B 59 -1.85 11.31 -17.73
C MET B 59 -2.38 11.42 -19.16
N LYS B 60 -3.68 11.16 -19.33
CA LYS B 60 -4.29 11.23 -20.64
C LYS B 60 -4.30 12.67 -21.16
N GLU B 61 -4.57 13.61 -20.26
CA GLU B 61 -4.75 14.99 -20.66
C GLU B 61 -3.43 15.77 -20.73
N MET B 62 -2.47 15.40 -19.87
CA MET B 62 -1.23 16.15 -19.76
C MET B 62 0.02 15.26 -19.94
N GLY B 63 -0.18 13.98 -20.26
CA GLY B 63 0.91 13.06 -20.51
C GLY B 63 1.83 13.45 -21.66
N GLY B 64 3.14 13.30 -21.48
CA GLY B 64 4.08 13.64 -22.53
C GLY B 64 4.42 15.12 -22.55
N HIS B 65 4.23 15.79 -21.41
CA HIS B 65 4.65 17.17 -21.25
C HIS B 65 5.05 17.33 -19.80
N HIS B 66 6.00 18.23 -19.53
CA HIS B 66 6.40 18.52 -18.16
C HIS B 66 5.24 19.22 -17.44
N ILE B 67 5.04 18.84 -16.19
CA ILE B 67 3.99 19.43 -15.37
C ILE B 67 4.59 20.04 -14.11
N VAL B 68 4.01 21.15 -13.67
CA VAL B 68 4.30 21.65 -12.34
C VAL B 68 3.07 21.34 -11.51
N ALA B 69 3.22 20.54 -10.46
CA ALA B 69 2.09 20.18 -9.62
C ALA B 69 2.11 21.08 -8.41
N LEU B 70 1.01 21.79 -8.21
CA LEU B 70 0.93 22.82 -7.20
C LEU B 70 -0.07 22.41 -6.13
N CYS B 71 0.42 22.18 -4.92
CA CYS B 71 -0.43 21.71 -3.85
C CYS B 71 -0.97 22.90 -3.06
N VAL B 72 -2.30 22.97 -2.94
CA VAL B 72 -2.89 23.98 -2.07
C VAL B 72 -3.00 23.43 -0.64
N LEU B 73 -2.06 23.87 0.20
CA LEU B 73 -2.00 23.51 1.61
C LEU B 73 -3.10 24.22 2.40
N LYS B 74 -3.46 23.70 3.58
CA LYS B 74 -2.89 22.44 4.08
C LYS B 74 -3.73 21.26 3.61
N GLY B 75 -5.02 21.52 3.40
CA GLY B 75 -5.97 20.43 3.17
C GLY B 75 -5.70 19.57 1.96
N GLY B 76 -4.98 20.10 0.98
CA GLY B 76 -4.72 19.32 -0.21
C GLY B 76 -3.54 18.34 -0.11
N TYR B 77 -2.78 18.37 1.00
CA TYR B 77 -1.55 17.60 1.09
C TYR B 77 -1.67 16.06 0.88
N LYS B 78 -2.68 15.42 1.45
CA LYS B 78 -2.85 13.97 1.29
C LYS B 78 -3.23 13.61 -0.14
N PHE B 79 -4.26 14.27 -0.66
CA PHE B 79 -4.70 14.05 -2.02
C PHE B 79 -3.54 14.31 -2.98
N PHE B 80 -2.78 15.37 -2.73
CA PHE B 80 -1.62 15.67 -3.55
C PHE B 80 -0.59 14.53 -3.54
N ALA B 81 -0.22 14.05 -2.35
CA ALA B 81 0.81 13.04 -2.24
C ALA B 81 0.37 11.76 -2.95
N ASP B 82 -0.88 11.36 -2.72
CA ASP B 82 -1.45 10.13 -3.29
C ASP B 82 -1.65 10.23 -4.80
N LEU B 83 -2.21 11.34 -5.27
CA LEU B 83 -2.35 11.55 -6.72
C LEU B 83 -0.97 11.50 -7.41
N LEU B 84 0.03 12.17 -6.83
CA LEU B 84 1.39 12.15 -7.41
C LEU B 84 2.00 10.75 -7.34
N ASP B 85 1.74 10.03 -6.25
CA ASP B 85 2.19 8.62 -6.19
C ASP B 85 1.59 7.75 -7.30
N TYR B 86 0.32 7.97 -7.63
CA TYR B 86 -0.30 7.19 -8.70
C TYR B 86 0.24 7.60 -10.07
N ILE B 87 0.49 8.89 -10.25
CA ILE B 87 1.12 9.33 -11.49
C ILE B 87 2.55 8.78 -11.64
N LYS B 88 3.31 8.78 -10.56
CA LYS B 88 4.64 8.17 -10.59
C LYS B 88 4.58 6.67 -10.94
N ALA B 89 3.58 5.97 -10.44
CA ALA B 89 3.44 4.55 -10.79
C ALA B 89 3.29 4.34 -12.32
N LEU B 90 2.50 5.20 -12.95
CA LEU B 90 2.35 5.17 -14.42
C LEU B 90 3.68 5.52 -15.09
N ASN B 91 4.32 6.61 -14.64
CA ASN B 91 5.62 7.01 -15.20
C ASN B 91 6.66 5.90 -15.21
N ARG B 92 6.60 4.98 -14.24
CA ARG B 92 7.69 4.00 -14.17
C ARG B 92 7.29 2.66 -14.74
N ASN B 93 6.03 2.53 -15.15
CA ASN B 93 5.56 1.28 -15.72
C ASN B 93 5.08 1.43 -17.17
N SER B 94 5.38 2.59 -17.74
CA SER B 94 5.02 2.93 -19.12
C SER B 94 6.18 3.58 -19.86
N ASP B 95 6.06 3.68 -21.18
CA ASP B 95 7.09 4.31 -22.01
C ASP B 95 6.83 5.81 -22.16
N ARG B 96 5.60 6.23 -21.89
CA ARG B 96 5.24 7.64 -21.94
C ARG B 96 5.19 8.19 -20.51
N SER B 97 5.67 9.41 -20.32
CA SER B 97 5.90 9.93 -18.99
C SER B 97 5.38 11.36 -18.77
N ILE B 98 5.16 11.70 -17.51
CA ILE B 98 4.93 13.08 -17.11
C ILE B 98 6.05 13.48 -16.16
N PRO B 99 7.19 13.98 -16.69
CA PRO B 99 8.18 14.56 -15.77
C PRO B 99 7.57 15.68 -14.90
N MET B 100 7.73 15.59 -13.59
CA MET B 100 7.05 16.54 -12.70
C MET B 100 7.98 17.32 -11.78
N THR B 101 7.65 18.57 -11.54
CA THR B 101 8.22 19.31 -10.43
C THR B 101 7.07 19.69 -9.51
N VAL B 102 7.37 20.13 -8.29
CA VAL B 102 6.28 20.38 -7.34
C VAL B 102 6.45 21.71 -6.64
N ASP B 103 5.33 22.29 -6.22
CA ASP B 103 5.40 23.46 -5.34
C ASP B 103 4.18 23.46 -4.44
N PHE B 104 4.25 24.27 -3.39
CA PHE B 104 3.20 24.31 -2.38
C PHE B 104 2.83 25.75 -2.08
N ILE B 105 1.53 26.00 -2.02
CA ILE B 105 1.06 27.32 -1.62
C ILE B 105 -0.02 27.24 -0.55
N ARG B 106 -0.17 28.30 0.22
CA ARG B 106 -1.31 28.38 1.11
C ARG B 106 -2.08 29.65 0.80
N LEU B 107 -3.40 29.61 0.92
CA LEU B 107 -4.27 30.72 0.56
C LEU B 107 -4.73 31.49 1.82
N LYS B 108 -4.51 32.81 1.82
CA LYS B 108 -5.04 33.65 2.91
C LYS B 108 -6.22 34.54 2.45
N LYS B 120 -4.43 36.51 -1.69
CA LYS B 120 -3.27 36.33 -0.82
C LYS B 120 -2.62 34.92 -0.87
N VAL B 121 -1.68 34.74 -1.80
CA VAL B 121 -0.92 33.50 -1.86
C VAL B 121 0.23 33.55 -0.86
N ILE B 122 0.32 32.54 0.00
CA ILE B 122 1.35 32.45 1.03
C ILE B 122 2.38 31.35 0.70
N GLY B 123 3.66 31.67 0.89
CA GLY B 123 4.75 30.76 0.55
C GLY B 123 4.78 30.51 -0.96
N GLY B 124 5.38 29.39 -1.36
CA GLY B 124 5.48 29.03 -2.76
C GLY B 124 6.62 29.77 -3.46
N ASP B 125 7.10 29.22 -4.57
CA ASP B 125 8.10 29.95 -5.36
C ASP B 125 7.44 31.14 -6.05
N ASP B 126 8.27 32.00 -6.66
CA ASP B 126 7.80 33.08 -7.53
C ASP B 126 6.80 32.48 -8.52
N LEU B 127 5.65 33.14 -8.70
CA LEU B 127 4.63 32.63 -9.61
C LEU B 127 5.09 32.74 -11.05
N SER B 128 6.13 33.56 -11.27
CA SER B 128 6.77 33.69 -12.57
C SER B 128 7.45 32.38 -12.96
N THR B 129 7.73 31.54 -11.98
CA THR B 129 8.26 30.23 -12.26
C THR B 129 7.21 29.37 -12.97
N LEU B 130 5.95 29.82 -13.00
CA LEU B 130 4.87 29.11 -13.66
C LEU B 130 4.71 29.50 -15.12
N THR B 131 5.24 30.68 -15.45
CA THR B 131 5.19 31.21 -16.81
C THR B 131 5.65 30.19 -17.83
N GLY B 132 4.81 29.97 -18.84
CA GLY B 132 5.12 29.04 -19.90
C GLY B 132 5.07 27.56 -19.52
N LYS B 133 4.53 27.25 -18.35
CA LYS B 133 4.49 25.84 -17.90
C LYS B 133 3.07 25.28 -17.82
N ASN B 134 2.99 23.95 -17.79
CA ASN B 134 1.74 23.24 -17.63
C ASN B 134 1.50 22.98 -16.16
N VAL B 135 0.48 23.62 -15.60
CA VAL B 135 0.31 23.64 -14.17
C VAL B 135 -0.91 22.81 -13.79
N LEU B 136 -0.76 21.96 -12.77
CA LEU B 136 -1.88 21.16 -12.25
C LEU B 136 -2.06 21.63 -10.83
N ILE B 137 -3.15 22.32 -10.55
CA ILE B 137 -3.41 22.77 -9.19
C ILE B 137 -4.17 21.69 -8.46
N VAL B 138 -3.74 21.33 -7.24
CA VAL B 138 -4.38 20.23 -6.53
C VAL B 138 -5.01 20.72 -5.23
N GLU B 139 -6.31 20.54 -5.12
CA GLU B 139 -7.15 21.09 -4.04
C GLU B 139 -7.91 19.94 -3.33
N ASP B 140 -8.25 20.15 -2.06
CA ASP B 140 -9.06 19.21 -1.30
C ASP B 140 -10.55 19.36 -1.62
N ILE B 141 -11.05 20.59 -1.64
CA ILE B 141 -12.49 20.78 -1.80
C ILE B 141 -12.88 22.12 -2.45
N ILE B 142 -13.90 22.09 -3.30
CA ILE B 142 -14.47 23.29 -3.88
C ILE B 142 -15.88 23.40 -3.29
N ASP B 143 -16.21 24.55 -2.72
CA ASP B 143 -17.53 24.75 -2.13
C ASP B 143 -18.26 25.80 -2.96
N THR B 144 -18.08 27.08 -2.65
CA THR B 144 -18.65 28.10 -3.53
C THR B 144 -17.88 28.17 -4.86
N GLY B 145 -16.60 27.81 -4.84
CA GLY B 145 -15.76 27.96 -6.03
C GLY B 145 -15.13 29.33 -6.15
N LYS B 146 -15.51 30.27 -5.27
CA LYS B 146 -14.96 31.63 -5.29
C LYS B 146 -13.42 31.66 -5.15
N THR B 147 -12.93 30.89 -4.19
CA THR B 147 -11.50 30.82 -3.91
C THR B 147 -10.69 30.29 -5.11
N MET B 148 -11.10 29.15 -5.65
CA MET B 148 -10.41 28.60 -6.82
C MET B 148 -10.53 29.60 -7.99
N GLN B 149 -11.69 30.24 -8.13
CA GLN B 149 -11.87 31.24 -9.19
C GLN B 149 -10.81 32.34 -9.08
N THR B 150 -10.63 32.85 -7.87
CA THR B 150 -9.69 33.92 -7.62
C THR B 150 -8.26 33.45 -7.84
N LEU B 151 -7.97 32.23 -7.38
CA LEU B 151 -6.63 31.69 -7.54
C LEU B 151 -6.30 31.55 -9.03
N LEU B 152 -7.26 31.03 -9.78
CA LEU B 152 -7.07 30.84 -11.21
C LEU B 152 -6.80 32.16 -11.95
N SER B 153 -7.51 33.22 -11.60
CA SER B 153 -7.34 34.53 -12.25
C SER B 153 -5.91 35.00 -12.04
N LEU B 154 -5.45 34.88 -10.81
CA LEU B 154 -4.11 35.26 -10.42
C LEU B 154 -3.08 34.47 -11.20
N VAL B 155 -3.17 33.14 -11.13
CA VAL B 155 -2.19 32.30 -11.81
C VAL B 155 -2.15 32.58 -13.31
N ARG B 156 -3.33 32.79 -13.90
CA ARG B 156 -3.44 33.07 -15.32
C ARG B 156 -2.64 34.31 -15.73
N GLN B 157 -2.53 35.27 -14.83
CA GLN B 157 -1.77 36.48 -15.13
C GLN B 157 -0.28 36.19 -15.38
N TYR B 158 0.19 35.04 -14.93
CA TYR B 158 1.62 34.75 -15.09
C TYR B 158 1.89 33.98 -16.39
N ASN B 159 0.86 33.88 -17.22
CA ASN B 159 0.95 33.23 -18.52
C ASN B 159 1.49 31.79 -18.52
N PRO B 160 0.88 30.89 -17.75
CA PRO B 160 1.26 29.47 -17.86
C PRO B 160 0.85 28.92 -19.22
N LYS B 161 1.43 27.80 -19.65
CA LYS B 161 1.07 27.27 -20.95
C LYS B 161 -0.37 26.77 -20.85
N MET B 162 -0.67 26.16 -19.72
CA MET B 162 -1.96 25.51 -19.50
C MET B 162 -2.18 25.38 -18.01
N VAL B 163 -3.42 25.49 -17.54
CA VAL B 163 -3.71 25.24 -16.12
C VAL B 163 -4.92 24.34 -16.00
N LYS B 164 -4.78 23.28 -15.19
CA LYS B 164 -5.91 22.40 -14.89
C LYS B 164 -6.01 22.30 -13.39
N VAL B 165 -7.20 21.96 -12.91
CA VAL B 165 -7.45 21.88 -11.49
C VAL B 165 -8.01 20.50 -11.18
N ALA B 166 -7.36 19.82 -10.24
CA ALA B 166 -7.91 18.58 -9.70
C ALA B 166 -8.40 18.88 -8.29
N SER B 167 -9.61 18.45 -7.97
CA SER B 167 -10.13 18.64 -6.63
C SER B 167 -10.73 17.34 -6.15
N LEU B 168 -10.35 16.90 -4.95
CA LEU B 168 -10.87 15.62 -4.45
C LEU B 168 -12.39 15.70 -4.36
N LEU B 169 -12.87 16.82 -3.84
CA LEU B 169 -14.29 16.98 -3.55
C LEU B 169 -14.88 18.24 -4.16
N VAL B 170 -16.12 18.11 -4.63
CA VAL B 170 -16.90 19.27 -5.07
C VAL B 170 -18.25 19.22 -4.38
N LYS B 171 -18.65 20.30 -3.71
CA LYS B 171 -19.92 20.32 -2.99
C LYS B 171 -21.07 20.78 -3.89
N ARG B 172 -22.19 20.05 -3.83
CA ARG B 172 -23.45 20.46 -4.47
C ARG B 172 -24.12 21.50 -3.59
N THR B 173 -24.10 22.75 -4.04
CA THR B 173 -24.63 23.81 -3.21
C THR B 173 -25.28 24.89 -4.07
N PRO B 174 -26.35 25.52 -3.54
CA PRO B 174 -26.95 26.65 -4.24
C PRO B 174 -26.06 27.89 -4.17
N ARG B 175 -25.00 27.83 -3.36
CA ARG B 175 -24.07 28.94 -3.23
C ARG B 175 -22.96 28.83 -4.25
N SER B 176 -23.00 27.75 -5.03
CA SER B 176 -22.04 27.50 -6.09
C SER B 176 -21.99 28.64 -7.09
N VAL B 177 -20.78 29.15 -7.31
CA VAL B 177 -20.53 30.23 -8.24
C VAL B 177 -20.53 29.68 -9.67
N GLY B 178 -20.50 28.35 -9.79
CA GLY B 178 -20.54 27.71 -11.10
C GLY B 178 -19.19 27.24 -11.62
N TYR B 179 -18.18 27.24 -10.78
CA TYR B 179 -16.87 26.74 -11.22
C TYR B 179 -16.79 25.22 -11.18
N LYS B 180 -16.28 24.65 -12.27
CA LYS B 180 -16.10 23.19 -12.42
C LYS B 180 -14.60 22.86 -12.59
N PRO B 181 -14.04 22.04 -11.70
CA PRO B 181 -12.63 21.66 -11.93
C PRO B 181 -12.48 20.67 -13.09
N ASP B 182 -11.28 20.51 -13.61
CA ASP B 182 -11.05 19.58 -14.72
C ASP B 182 -11.09 18.12 -14.27
N PHE B 183 -10.69 17.86 -13.03
CA PHE B 183 -10.67 16.53 -12.49
C PHE B 183 -11.31 16.60 -11.09
N VAL B 184 -12.29 15.75 -10.86
CA VAL B 184 -13.02 15.73 -9.59
C VAL B 184 -13.10 14.31 -9.06
N GLY B 185 -12.80 14.12 -7.78
CA GLY B 185 -12.95 12.78 -7.21
C GLY B 185 -14.42 12.41 -6.95
N PHE B 186 -15.06 13.19 -6.08
CA PHE B 186 -16.41 12.92 -5.58
C PHE B 186 -17.23 14.21 -5.57
N GLU B 187 -18.50 14.11 -5.95
CA GLU B 187 -19.40 15.26 -5.81
C GLU B 187 -20.30 14.95 -4.64
N ILE B 188 -20.28 15.81 -3.62
CA ILE B 188 -20.92 15.46 -2.33
C ILE B 188 -22.05 16.41 -2.00
N PRO B 189 -22.94 16.01 -1.08
CA PRO B 189 -24.00 16.90 -0.60
C PRO B 189 -23.42 18.08 0.22
N ASP B 190 -24.24 19.08 0.49
CA ASP B 190 -23.81 20.26 1.24
C ASP B 190 -23.72 19.95 2.75
N LYS B 191 -22.73 19.17 3.13
CA LYS B 191 -22.51 18.83 4.53
C LYS B 191 -21.04 19.11 4.88
N PHE B 192 -20.77 19.49 6.11
CA PHE B 192 -19.37 19.80 6.46
C PHE B 192 -18.58 18.54 6.70
N VAL B 193 -17.60 18.28 5.83
CA VAL B 193 -16.82 17.07 5.96
C VAL B 193 -15.39 17.34 6.46
N VAL B 194 -14.81 16.34 7.12
CA VAL B 194 -13.44 16.42 7.65
C VAL B 194 -12.75 15.07 7.38
N GLY B 195 -11.43 15.03 7.56
CA GLY B 195 -10.69 13.81 7.34
C GLY B 195 -9.92 13.86 6.01
N TYR B 196 -8.93 12.97 5.87
CA TYR B 196 -8.07 12.95 4.70
C TYR B 196 -7.46 14.35 4.48
N ALA B 197 -6.98 14.93 5.59
CA ALA B 197 -6.30 16.25 5.62
C ALA B 197 -7.26 17.46 5.68
N LEU B 198 -8.56 17.23 5.52
CA LEU B 198 -9.54 18.31 5.67
C LEU B 198 -9.84 18.47 7.16
N ASP B 199 -9.91 19.71 7.64
CA ASP B 199 -9.93 19.97 9.08
C ASP B 199 -11.16 20.73 9.54
N TYR B 200 -11.31 20.79 10.86
CA TYR B 200 -12.23 21.70 11.51
C TYR B 200 -11.38 22.32 12.60
N ASN B 201 -11.05 23.61 12.46
CA ASN B 201 -10.12 24.27 13.39
C ASN B 201 -8.81 23.49 13.65
N GLU B 202 -8.25 22.96 12.56
CA GLU B 202 -6.96 22.25 12.54
C GLU B 202 -7.07 20.77 12.98
N TYR B 203 -8.19 20.38 13.57
CA TYR B 203 -8.40 18.97 13.94
C TYR B 203 -8.89 18.09 12.80
N PHE B 204 -8.81 16.78 12.98
CA PHE B 204 -9.28 15.77 12.01
C PHE B 204 -8.41 15.64 10.75
N ARG B 205 -7.28 16.33 10.70
CA ARG B 205 -6.41 16.16 9.53
C ARG B 205 -5.77 14.77 9.62
N ASP B 206 -5.61 14.27 10.84
CA ASP B 206 -4.99 12.96 11.11
C ASP B 206 -6.07 11.87 11.12
N LEU B 207 -6.89 11.84 10.09
CA LEU B 207 -7.96 10.87 9.99
C LEU B 207 -7.95 10.45 8.54
N ASN B 208 -7.85 9.16 8.26
CA ASN B 208 -7.67 8.76 6.83
C ASN B 208 -8.97 8.74 6.03
N HIS B 209 -10.11 8.61 6.71
CA HIS B 209 -11.43 8.62 6.04
C HIS B 209 -12.01 10.00 6.02
N VAL B 210 -12.83 10.30 4.99
CA VAL B 210 -13.63 11.51 5.00
C VAL B 210 -14.91 11.22 5.77
N CYS B 211 -15.21 12.09 6.73
CA CYS B 211 -16.32 11.85 7.65
C CYS B 211 -17.11 13.14 7.87
N VAL B 212 -18.30 12.99 8.44
CA VAL B 212 -19.11 14.14 8.86
C VAL B 212 -18.93 14.34 10.37
N ILE B 213 -18.68 15.56 10.80
CA ILE B 213 -18.48 15.81 12.23
C ILE B 213 -19.79 15.68 12.97
N SER B 214 -19.70 15.22 14.21
CA SER B 214 -20.85 15.16 15.09
C SER B 214 -21.05 16.51 15.78
N GLU B 215 -22.18 16.66 16.46
CA GLU B 215 -22.45 17.89 17.19
C GLU B 215 -21.45 18.08 18.30
N THR B 216 -21.08 16.99 18.97
CA THR B 216 -20.12 17.08 20.06
C THR B 216 -18.69 17.40 19.55
N GLY B 217 -18.36 16.94 18.33
CA GLY B 217 -17.08 17.27 17.72
C GLY B 217 -16.97 18.76 17.41
N LYS B 218 -18.08 19.34 16.92
CA LYS B 218 -18.11 20.75 16.59
C LYS B 218 -17.97 21.57 17.85
N ALA B 219 -18.63 21.13 18.93
CA ALA B 219 -18.58 21.84 20.20
C ALA B 219 -17.20 21.69 20.86
N LYS B 220 -16.64 20.49 20.81
CA LYS B 220 -15.37 20.20 21.48
C LYS B 220 -14.21 21.02 20.91
N TYR B 221 -14.11 21.04 19.59
CA TYR B 221 -12.99 21.69 18.91
C TYR B 221 -13.36 23.07 18.40
N LYS B 222 -14.47 23.61 18.87
CA LYS B 222 -14.90 24.93 18.42
C LYS B 222 -13.83 25.94 18.72
N ALA B 223 -13.58 26.84 17.77
CA ALA B 223 -12.65 27.94 17.97
C ALA B 223 -13.27 28.93 18.95
N PRO C 11 17.09 -9.42 -14.40
CA PRO C 11 18.32 -9.94 -13.77
C PRO C 11 18.22 -9.94 -12.25
N GLY C 12 18.37 -11.10 -11.59
CA GLY C 12 18.21 -11.18 -10.15
C GLY C 12 19.05 -10.17 -9.36
N VAL C 13 18.56 -9.75 -8.19
CA VAL C 13 19.38 -8.96 -7.28
C VAL C 13 20.37 -9.92 -6.62
N VAL C 14 21.66 -9.66 -6.78
CA VAL C 14 22.64 -10.58 -6.19
C VAL C 14 22.96 -10.21 -4.74
N ILE C 15 22.65 -11.12 -3.82
CA ILE C 15 23.01 -10.93 -2.42
C ILE C 15 24.27 -11.74 -2.12
N SER C 16 25.33 -11.05 -1.68
CA SER C 16 26.66 -11.67 -1.51
C SER C 16 26.77 -12.64 -0.34
N ASP C 17 27.75 -13.52 -0.41
CA ASP C 17 28.00 -14.49 0.64
C ASP C 17 28.24 -13.82 1.99
N ASP C 18 28.84 -12.63 1.96
CA ASP C 18 29.24 -11.97 3.20
C ASP C 18 28.25 -10.89 3.65
N GLU C 19 27.12 -10.80 2.95
CA GLU C 19 26.01 -9.95 3.35
C GLU C 19 25.68 -10.15 4.83
N PRO C 20 25.78 -9.08 5.63
CA PRO C 20 25.57 -9.14 7.07
C PRO C 20 24.08 -9.00 7.47
N GLY C 21 23.23 -8.59 6.53
CA GLY C 21 21.83 -8.32 6.84
C GLY C 21 21.66 -7.15 7.81
N TYR C 22 20.48 -7.01 8.39
CA TYR C 22 20.20 -5.88 9.30
C TYR C 22 19.82 -6.29 10.71
N ASP C 23 20.24 -5.50 11.69
CA ASP C 23 19.84 -5.67 13.08
C ASP C 23 18.31 -5.69 13.17
N LEU C 24 17.75 -6.61 13.95
CA LEU C 24 16.28 -6.72 14.07
C LEU C 24 15.66 -5.41 14.58
N ASP C 25 16.38 -4.68 15.45
CA ASP C 25 15.86 -3.47 16.09
C ASP C 25 15.67 -2.26 15.16
N LEU C 26 16.06 -2.41 13.89
CA LEU C 26 15.90 -1.33 12.92
C LEU C 26 14.56 -1.44 12.19
N PHE C 27 13.88 -2.57 12.37
CA PHE C 27 12.63 -2.80 11.68
C PHE C 27 11.54 -3.18 12.66
N CYS C 28 10.31 -3.26 12.17
CA CYS C 28 9.23 -3.77 12.97
C CYS C 28 9.14 -5.27 12.70
N ILE C 29 9.16 -6.09 13.74
CA ILE C 29 9.03 -7.52 13.53
C ILE C 29 8.03 -8.10 14.52
N PRO C 30 7.38 -9.22 14.15
CA PRO C 30 6.36 -9.79 15.04
C PRO C 30 6.94 -10.05 16.45
N ASN C 31 6.20 -9.64 17.50
CA ASN C 31 6.69 -9.82 18.86
C ASN C 31 7.02 -11.27 19.21
N HIS C 32 6.20 -12.20 18.74
CA HIS C 32 6.40 -13.60 19.11
C HIS C 32 7.66 -14.20 18.49
N TYR C 33 8.30 -13.48 17.57
CA TYR C 33 9.54 -13.95 16.93
C TYR C 33 10.79 -13.16 17.36
N ALA C 34 10.65 -12.30 18.36
CA ALA C 34 11.72 -11.38 18.76
C ALA C 34 13.04 -12.10 19.13
N GLU C 35 12.94 -13.26 19.77
CA GLU C 35 14.14 -14.01 20.18
C GLU C 35 14.53 -15.11 19.19
N ASP C 36 13.71 -15.27 18.16
CA ASP C 36 13.80 -16.43 17.28
C ASP C 36 14.55 -16.15 15.97
N LEU C 37 14.82 -14.87 15.69
CA LEU C 37 15.46 -14.46 14.45
C LEU C 37 16.82 -13.89 14.76
N GLU C 38 17.76 -14.03 13.84
CA GLU C 38 19.12 -13.53 14.05
C GLU C 38 19.26 -12.15 13.42
N ARG C 39 18.84 -12.03 12.14
CA ARG C 39 18.96 -10.79 11.38
C ARG C 39 17.85 -10.77 10.34
N VAL C 40 17.46 -9.57 9.92
CA VAL C 40 16.67 -9.40 8.71
C VAL C 40 17.60 -9.51 7.52
N PHE C 41 17.24 -10.40 6.61
CA PHE C 41 18.08 -10.67 5.45
C PHE C 41 17.61 -9.86 4.24
N ILE C 42 16.32 -9.92 3.91
CA ILE C 42 15.78 -9.13 2.79
C ILE C 42 14.52 -8.42 3.24
N PRO C 43 14.60 -7.10 3.45
CA PRO C 43 13.43 -6.39 3.95
C PRO C 43 12.19 -6.54 3.03
N HIS C 44 11.00 -6.61 3.62
CA HIS C 44 9.74 -6.64 2.85
C HIS C 44 9.66 -5.63 1.71
N GLY C 45 9.90 -4.36 2.03
CA GLY C 45 9.86 -3.30 1.04
C GLY C 45 10.71 -3.59 -0.19
N LEU C 46 11.91 -4.11 0.03
CA LEU C 46 12.82 -4.47 -1.05
C LEU C 46 12.23 -5.58 -1.94
N ILE C 47 11.67 -6.61 -1.31
CA ILE C 47 10.96 -7.65 -2.06
C ILE C 47 9.86 -7.04 -2.96
N MET C 48 9.09 -6.10 -2.41
CA MET C 48 8.01 -5.44 -3.16
C MET C 48 8.58 -4.67 -4.37
N ASP C 49 9.64 -3.90 -4.15
CA ASP C 49 10.24 -3.12 -5.22
C ASP C 49 10.72 -4.02 -6.34
N ARG C 50 11.37 -5.12 -5.97
CA ARG C 50 11.89 -6.04 -6.98
C ARG C 50 10.74 -6.75 -7.71
N THR C 51 9.71 -7.12 -6.96
CA THR C 51 8.52 -7.77 -7.50
C THR C 51 7.78 -6.86 -8.51
N GLU C 52 7.67 -5.56 -8.20
CA GLU C 52 7.08 -4.61 -9.13
C GLU C 52 7.76 -4.75 -10.49
N ARG C 53 9.09 -4.82 -10.48
CA ARG C 53 9.84 -4.87 -11.73
C ARG C 53 9.71 -6.25 -12.42
N LEU C 54 9.67 -7.32 -11.64
CA LEU C 54 9.44 -8.66 -12.17
C LEU C 54 8.09 -8.72 -12.92
N ALA C 55 7.05 -8.15 -12.31
CA ALA C 55 5.73 -8.13 -12.93
C ALA C 55 5.79 -7.57 -14.33
N ARG C 56 6.56 -6.49 -14.48
CA ARG C 56 6.67 -5.83 -15.77
C ARG C 56 7.39 -6.72 -16.77
N ASP C 57 8.46 -7.37 -16.32
CA ASP C 57 9.23 -8.30 -17.15
C ASP C 57 8.32 -9.45 -17.60
N VAL C 58 7.47 -9.90 -16.69
CA VAL C 58 6.58 -11.00 -16.98
C VAL C 58 5.58 -10.60 -18.06
N MET C 59 4.95 -9.45 -17.90
CA MET C 59 3.98 -8.97 -18.90
C MET C 59 4.65 -8.71 -20.25
N LYS C 60 5.89 -8.21 -20.24
CA LYS C 60 6.57 -7.96 -21.50
C LYS C 60 6.74 -9.27 -22.29
N GLU C 61 6.95 -10.37 -21.57
CA GLU C 61 7.26 -11.64 -22.20
C GLU C 61 5.99 -12.49 -22.47
N MET C 62 5.01 -12.38 -21.58
CA MET C 62 3.88 -13.32 -21.57
C MET C 62 2.54 -12.63 -21.84
N GLY C 63 2.59 -11.30 -21.92
CA GLY C 63 1.38 -10.50 -22.03
C GLY C 63 0.57 -10.73 -23.28
N GLY C 64 1.11 -11.52 -24.22
CA GLY C 64 0.51 -11.67 -25.53
C GLY C 64 -0.61 -12.69 -25.62
N HIS C 65 -0.78 -13.50 -24.58
CA HIS C 65 -1.79 -14.54 -24.64
C HIS C 65 -2.29 -14.86 -23.23
N HIS C 66 -3.53 -15.34 -23.12
CA HIS C 66 -4.10 -15.80 -21.85
C HIS C 66 -3.03 -16.46 -20.99
N ILE C 67 -2.86 -15.94 -19.78
CA ILE C 67 -1.89 -16.47 -18.82
C ILE C 67 -2.57 -17.30 -17.73
N VAL C 68 -2.05 -18.50 -17.47
CA VAL C 68 -2.46 -19.26 -16.30
C VAL C 68 -1.33 -19.25 -15.27
N ALA C 69 -1.58 -18.59 -14.14
CA ALA C 69 -0.60 -18.45 -13.06
C ALA C 69 -0.80 -19.57 -12.03
N LEU C 70 0.22 -20.40 -11.88
CA LEU C 70 0.19 -21.54 -10.97
C LEU C 70 1.00 -21.24 -9.71
N CYS C 71 0.32 -21.10 -8.57
CA CYS C 71 1.01 -20.91 -7.28
C CYS C 71 1.43 -22.25 -6.66
N VAL C 72 2.73 -22.38 -6.37
CA VAL C 72 3.21 -23.57 -5.66
C VAL C 72 3.10 -23.33 -4.15
N LEU C 73 2.06 -23.88 -3.54
CA LEU C 73 1.86 -23.81 -2.09
C LEU C 73 2.90 -24.63 -1.32
N LYS C 74 3.10 -24.34 -0.03
CA LYS C 74 2.49 -23.19 0.64
C LYS C 74 3.38 -21.95 0.50
N GLY C 75 4.68 -22.20 0.41
CA GLY C 75 5.68 -21.16 0.42
C GLY C 75 5.49 -20.08 -0.63
N GLY C 76 4.86 -20.44 -1.75
CA GLY C 76 4.73 -19.49 -2.86
C GLY C 76 3.61 -18.45 -2.70
N TYR C 77 2.77 -18.62 -1.68
CA TYR C 77 1.52 -17.87 -1.62
C TYR C 77 1.66 -16.34 -1.51
N LYS C 78 2.66 -15.85 -0.77
CA LYS C 78 2.86 -14.41 -0.60
C LYS C 78 3.38 -13.77 -1.86
N PHE C 79 4.49 -14.31 -2.37
CA PHE C 79 5.04 -13.89 -3.65
C PHE C 79 3.98 -13.93 -4.75
N PHE C 80 3.16 -14.98 -4.74
CA PHE C 80 2.15 -15.14 -5.77
C PHE C 80 1.15 -13.99 -5.69
N ALA C 81 0.65 -13.72 -4.49
CA ALA C 81 -0.38 -12.70 -4.34
C ALA C 81 0.14 -11.32 -4.76
N ASP C 82 1.32 -10.96 -4.28
CA ASP C 82 1.93 -9.67 -4.60
C ASP C 82 2.30 -9.53 -6.08
N LEU C 83 2.95 -10.56 -6.63
CA LEU C 83 3.28 -10.55 -8.06
C LEU C 83 2.04 -10.38 -8.94
N LEU C 84 0.96 -11.08 -8.59
CA LEU C 84 -0.28 -10.92 -9.35
C LEU C 84 -0.90 -9.53 -9.17
N ASP C 85 -0.81 -8.98 -7.95
CA ASP C 85 -1.29 -7.62 -7.72
C ASP C 85 -0.60 -6.62 -8.64
N TYR C 86 0.71 -6.75 -8.79
CA TYR C 86 1.45 -5.83 -9.67
C TYR C 86 1.11 -6.05 -11.15
N ILE C 87 0.94 -7.31 -11.55
CA ILE C 87 0.47 -7.60 -12.90
C ILE C 87 -0.92 -6.97 -13.15
N LYS C 88 -1.83 -7.12 -12.19
CA LYS C 88 -3.17 -6.53 -12.29
C LYS C 88 -3.09 -5.00 -12.40
N ALA C 89 -2.17 -4.40 -11.65
CA ALA C 89 -2.03 -2.94 -11.69
C ALA C 89 -1.58 -2.49 -13.08
N LEU C 90 -0.64 -3.23 -13.65
CA LEU C 90 -0.29 -3.06 -15.06
C LEU C 90 -1.50 -3.19 -16.00
N ASN C 91 -2.29 -4.26 -15.84
CA ASN C 91 -3.41 -4.54 -16.74
C ASN C 91 -4.48 -3.48 -16.72
N ARG C 92 -4.67 -2.83 -15.58
CA ARG C 92 -5.77 -1.88 -15.51
C ARG C 92 -5.34 -0.45 -15.81
N ASN C 93 -4.07 -0.26 -16.15
CA ASN C 93 -3.58 1.09 -16.45
C ASN C 93 -2.91 1.14 -17.82
N SER C 94 -3.26 0.17 -18.66
CA SER C 94 -2.62 0.03 -19.98
C SER C 94 -3.64 -0.15 -21.12
N ASP C 95 -3.18 0.07 -22.35
CA ASP C 95 -4.05 -0.07 -23.51
C ASP C 95 -4.48 -1.51 -23.68
N ARG C 96 -3.52 -2.39 -23.86
CA ARG C 96 -3.80 -3.80 -24.15
C ARG C 96 -3.73 -4.61 -22.86
N SER C 97 -4.54 -5.67 -22.83
CA SER C 97 -4.71 -6.46 -21.63
C SER C 97 -5.09 -7.90 -21.98
N ILE C 98 -4.63 -8.84 -21.16
CA ILE C 98 -5.04 -10.23 -21.32
C ILE C 98 -5.58 -10.81 -20.02
N PRO C 99 -6.61 -11.65 -20.13
CA PRO C 99 -7.15 -12.33 -18.93
C PRO C 99 -6.10 -13.24 -18.30
N MET C 100 -6.08 -13.32 -16.98
CA MET C 100 -5.29 -14.33 -16.30
C MET C 100 -6.22 -15.21 -15.48
N THR C 101 -5.97 -16.52 -15.49
CA THR C 101 -6.69 -17.39 -14.55
C THR C 101 -5.67 -17.91 -13.57
N VAL C 102 -6.12 -18.42 -12.41
CA VAL C 102 -5.16 -18.87 -11.41
C VAL C 102 -5.43 -20.28 -10.99
N ASP C 103 -4.39 -20.92 -10.48
CA ASP C 103 -4.54 -22.24 -9.90
C ASP C 103 -3.50 -22.41 -8.79
N PHE C 104 -3.71 -23.42 -7.97
CA PHE C 104 -2.87 -23.62 -6.80
C PHE C 104 -2.53 -25.10 -6.72
N ILE C 105 -1.28 -25.41 -6.41
CA ILE C 105 -0.88 -26.80 -6.34
C ILE C 105 0.13 -27.00 -5.24
N ARG C 106 0.12 -28.21 -4.68
CA ARG C 106 1.14 -28.60 -3.72
C ARG C 106 1.89 -29.78 -4.32
N LEU C 107 3.16 -29.86 -4.01
CA LEU C 107 4.00 -30.92 -4.55
C LEU C 107 4.24 -31.97 -3.47
N LYS C 108 4.14 -33.23 -3.88
CA LYS C 108 4.40 -34.35 -2.98
C LYS C 108 5.11 -35.48 -3.73
N SER C 109 6.11 -36.07 -3.09
CA SER C 109 6.77 -37.25 -3.63
C SER C 109 5.84 -38.47 -3.51
N TYR C 110 5.91 -39.38 -4.47
CA TYR C 110 5.07 -40.57 -4.43
C TYR C 110 5.36 -41.42 -3.20
N ILE C 119 7.46 -36.52 -9.21
CA ILE C 119 6.70 -35.77 -8.21
C ILE C 119 5.20 -35.84 -8.47
N LYS C 120 4.41 -35.80 -7.40
CA LYS C 120 2.96 -35.78 -7.60
C LYS C 120 2.30 -34.43 -7.27
N VAL C 121 1.54 -33.94 -8.23
CA VAL C 121 0.82 -32.68 -8.10
C VAL C 121 -0.51 -32.87 -7.38
N ILE C 122 -0.68 -32.16 -6.27
CA ILE C 122 -1.89 -32.26 -5.45
C ILE C 122 -2.71 -30.98 -5.56
N GLY C 123 -4.02 -31.14 -5.72
CA GLY C 123 -4.97 -30.04 -5.53
C GLY C 123 -5.17 -29.02 -6.65
N GLY C 124 -4.61 -29.28 -7.82
CA GLY C 124 -4.80 -28.38 -8.94
C GLY C 124 -6.04 -28.75 -9.74
N ASP C 125 -6.27 -27.99 -10.80
CA ASP C 125 -7.27 -28.38 -11.78
C ASP C 125 -6.62 -29.43 -12.67
N ASP C 126 -7.40 -30.05 -13.55
CA ASP C 126 -6.86 -30.97 -14.53
C ASP C 126 -5.82 -30.23 -15.38
N LEU C 127 -4.66 -30.84 -15.56
CA LEU C 127 -3.56 -30.16 -16.25
C LEU C 127 -3.86 -29.97 -17.72
N SER C 128 -4.96 -30.57 -18.18
CA SER C 128 -5.38 -30.36 -19.55
C SER C 128 -5.83 -28.91 -19.69
N THR C 129 -6.18 -28.29 -18.57
CA THR C 129 -6.51 -26.88 -18.58
C THR C 129 -5.28 -26.07 -19.01
N LEU C 130 -4.11 -26.69 -18.93
CA LEU C 130 -2.87 -26.00 -19.24
C LEU C 130 -2.58 -25.97 -20.74
N THR C 131 -3.26 -26.84 -21.49
CA THR C 131 -2.94 -27.01 -22.90
C THR C 131 -3.25 -25.74 -23.71
N GLY C 132 -2.26 -25.28 -24.47
CA GLY C 132 -2.41 -24.09 -25.31
C GLY C 132 -2.29 -22.76 -24.58
N LYS C 133 -1.97 -22.80 -23.28
CA LYS C 133 -1.91 -21.58 -22.48
C LYS C 133 -0.48 -21.12 -22.21
N ASN C 134 -0.34 -19.86 -21.83
CA ASN C 134 0.95 -19.35 -21.35
C ASN C 134 0.97 -19.63 -19.87
N VAL C 135 1.84 -20.54 -19.43
CA VAL C 135 1.79 -21.00 -18.04
C VAL C 135 2.89 -20.32 -17.24
N LEU C 136 2.51 -19.66 -16.15
CA LEU C 136 3.50 -18.99 -15.29
C LEU C 136 3.49 -19.72 -13.95
N ILE C 137 4.58 -20.41 -13.65
CA ILE C 137 4.69 -21.12 -12.38
C ILE C 137 5.42 -20.22 -11.38
N VAL C 138 4.80 -20.05 -10.20
CA VAL C 138 5.28 -19.13 -9.18
C VAL C 138 5.71 -19.86 -7.91
N GLU C 139 6.99 -19.70 -7.57
CA GLU C 139 7.64 -20.46 -6.51
C GLU C 139 8.29 -19.48 -5.52
N ASP C 140 8.52 -19.94 -4.29
CA ASP C 140 9.22 -19.14 -3.29
C ASP C 140 10.74 -19.20 -3.49
N ILE C 141 11.28 -20.42 -3.66
CA ILE C 141 12.71 -20.61 -3.68
C ILE C 141 13.10 -21.83 -4.50
N ILE C 142 14.18 -21.71 -5.27
CA ILE C 142 14.77 -22.85 -5.97
C ILE C 142 16.10 -23.09 -5.28
N ASP C 143 16.33 -24.33 -4.86
CA ASP C 143 17.56 -24.63 -4.14
C ASP C 143 18.37 -25.58 -5.03
N THR C 144 18.17 -26.89 -4.88
CA THR C 144 18.79 -27.83 -5.81
C THR C 144 18.11 -27.71 -7.18
N GLY C 145 16.84 -27.27 -7.18
CA GLY C 145 16.08 -27.14 -8.41
C GLY C 145 15.63 -28.46 -9.00
N LYS C 146 15.77 -29.54 -8.24
CA LYS C 146 15.35 -30.84 -8.73
C LYS C 146 13.84 -30.89 -8.87
N THR C 147 13.14 -30.37 -7.85
CA THR C 147 11.69 -30.28 -7.81
C THR C 147 11.07 -29.53 -9.02
N MET C 148 11.56 -28.33 -9.30
CA MET C 148 11.05 -27.56 -10.43
C MET C 148 11.37 -28.29 -11.74
N GLN C 149 12.57 -28.82 -11.83
CA GLN C 149 12.93 -29.56 -13.03
C GLN C 149 11.94 -30.70 -13.27
N THR C 150 11.47 -31.32 -12.19
CA THR C 150 10.52 -32.42 -12.32
C THR C 150 9.12 -31.92 -12.73
N LEU C 151 8.66 -30.87 -12.05
CA LEU C 151 7.36 -30.27 -12.34
C LEU C 151 7.29 -29.80 -13.79
N LEU C 152 8.32 -29.12 -14.26
CA LEU C 152 8.34 -28.73 -15.65
C LEU C 152 8.16 -29.90 -16.64
N SER C 153 8.93 -30.97 -16.49
CA SER C 153 8.75 -32.13 -17.37
C SER C 153 7.30 -32.56 -17.40
N LEU C 154 6.69 -32.58 -16.22
CA LEU C 154 5.28 -32.93 -16.07
C LEU C 154 4.42 -32.00 -16.95
N VAL C 155 4.48 -30.70 -16.64
CA VAL C 155 3.70 -29.69 -17.33
C VAL C 155 3.81 -29.76 -18.84
N ARG C 156 5.02 -30.01 -19.34
CA ARG C 156 5.25 -30.04 -20.78
C ARG C 156 4.51 -31.18 -21.50
N GLN C 157 4.02 -32.16 -20.74
CA GLN C 157 3.25 -33.25 -21.34
C GLN C 157 1.92 -32.73 -21.91
N TYR C 158 1.43 -31.64 -21.34
CA TYR C 158 0.11 -31.11 -21.69
C TYR C 158 0.17 -29.99 -22.72
N ASN C 159 1.30 -29.88 -23.40
CA ASN C 159 1.44 -28.91 -24.49
C ASN C 159 0.96 -27.49 -24.17
N PRO C 160 1.49 -26.91 -23.10
CA PRO C 160 1.22 -25.48 -22.89
C PRO C 160 1.82 -24.69 -24.06
N LYS C 161 1.24 -23.54 -24.39
CA LYS C 161 1.82 -22.69 -25.43
C LYS C 161 3.24 -22.33 -25.01
N MET C 162 3.39 -22.01 -23.73
CA MET C 162 4.65 -21.49 -23.18
C MET C 162 4.64 -21.81 -21.68
N VAL C 163 5.81 -22.09 -21.10
CA VAL C 163 5.91 -22.28 -19.65
C VAL C 163 7.11 -21.52 -19.12
N LYS C 164 6.88 -20.66 -18.12
CA LYS C 164 7.98 -19.90 -17.55
C LYS C 164 7.84 -20.02 -16.06
N VAL C 165 8.97 -19.89 -15.36
CA VAL C 165 8.98 -19.96 -13.91
C VAL C 165 9.47 -18.66 -13.32
N ALA C 166 8.73 -18.14 -12.35
CA ALA C 166 9.14 -17.00 -11.53
C ALA C 166 9.45 -17.51 -10.11
N SER C 167 10.64 -17.20 -9.58
CA SER C 167 11.00 -17.61 -8.23
C SER C 167 11.49 -16.39 -7.46
N LEU C 168 10.93 -16.14 -6.28
CA LEU C 168 11.39 -15.02 -5.49
C LEU C 168 12.89 -15.13 -5.25
N LEU C 169 13.34 -16.34 -4.87
CA LEU C 169 14.73 -16.53 -4.51
C LEU C 169 15.36 -17.70 -5.29
N VAL C 170 16.65 -17.58 -5.57
CA VAL C 170 17.40 -18.69 -6.15
C VAL C 170 18.69 -18.81 -5.35
N LYS C 171 19.05 -20.02 -4.92
CA LYS C 171 20.24 -20.20 -4.07
C LYS C 171 21.46 -20.49 -4.91
N ARG C 172 22.60 -19.91 -4.52
CA ARG C 172 23.89 -20.28 -5.11
C ARG C 172 24.36 -21.47 -4.31
N THR C 173 24.33 -22.65 -4.91
CA THR C 173 24.62 -23.88 -4.15
C THR C 173 25.29 -24.90 -5.05
N PRO C 174 26.31 -25.60 -4.52
CA PRO C 174 26.99 -26.64 -5.30
C PRO C 174 26.05 -27.82 -5.54
N ARG C 175 24.94 -27.85 -4.81
CA ARG C 175 23.97 -28.94 -4.93
C ARG C 175 22.99 -28.74 -6.11
N SER C 176 23.17 -27.66 -6.86
CA SER C 176 22.28 -27.35 -7.99
C SER C 176 22.44 -28.36 -9.13
N VAL C 177 21.31 -28.77 -9.72
CA VAL C 177 21.31 -29.65 -10.88
C VAL C 177 21.48 -28.83 -12.15
N GLY C 178 21.53 -27.52 -11.97
CA GLY C 178 21.78 -26.63 -13.10
C GLY C 178 20.52 -25.96 -13.65
N TYR C 179 19.40 -26.10 -12.95
CA TYR C 179 18.18 -25.44 -13.39
C TYR C 179 18.11 -23.99 -12.91
N LYS C 180 17.80 -23.07 -13.82
CA LYS C 180 17.62 -21.67 -13.47
C LYS C 180 16.27 -21.15 -13.95
N PRO C 181 15.50 -20.52 -13.05
CA PRO C 181 14.19 -20.00 -13.44
C PRO C 181 14.29 -18.86 -14.47
N ASP C 182 13.19 -18.57 -15.15
CA ASP C 182 13.13 -17.46 -16.09
C ASP C 182 13.16 -16.09 -15.40
N PHE C 183 12.41 -15.96 -14.31
CA PHE C 183 12.27 -14.70 -13.60
C PHE C 183 12.73 -14.89 -12.15
N VAL C 184 13.73 -14.12 -11.73
CA VAL C 184 14.30 -14.29 -10.39
C VAL C 184 14.30 -12.99 -9.62
N GLY C 185 13.78 -13.03 -8.40
CA GLY C 185 13.84 -11.87 -7.53
C GLY C 185 15.25 -11.60 -7.04
N PHE C 186 15.80 -12.55 -6.27
CA PHE C 186 17.07 -12.36 -5.55
C PHE C 186 17.89 -13.63 -5.65
N GLU C 187 19.18 -13.49 -5.89
CA GLU C 187 20.08 -14.64 -5.86
C GLU C 187 20.84 -14.58 -4.53
N ILE C 188 20.74 -15.64 -3.72
CA ILE C 188 21.17 -15.60 -2.32
C ILE C 188 22.22 -16.65 -2.03
N PRO C 189 22.93 -16.51 -0.91
CA PRO C 189 23.90 -17.54 -0.51
C PRO C 189 23.23 -18.84 -0.06
N ASP C 190 24.03 -19.88 0.11
CA ASP C 190 23.60 -21.21 0.54
C ASP C 190 23.33 -21.18 2.05
N LYS C 191 22.32 -20.42 2.45
CA LYS C 191 21.96 -20.24 3.84
C LYS C 191 20.47 -20.49 3.95
N PHE C 192 20.04 -21.08 5.06
CA PHE C 192 18.62 -21.34 5.25
C PHE C 192 17.88 -20.07 5.71
N VAL C 193 16.87 -19.66 4.94
CA VAL C 193 16.11 -18.44 5.23
C VAL C 193 14.62 -18.73 5.43
N VAL C 194 13.94 -17.83 6.12
CA VAL C 194 12.54 -17.98 6.46
C VAL C 194 11.84 -16.65 6.28
N GLY C 195 10.50 -16.66 6.36
CA GLY C 195 9.77 -15.41 6.23
C GLY C 195 9.22 -15.18 4.83
N TYR C 196 8.35 -14.19 4.70
CA TYR C 196 7.63 -13.94 3.46
C TYR C 196 7.03 -15.27 2.95
N ALA C 197 6.42 -16.01 3.87
CA ALA C 197 5.78 -17.32 3.63
C ALA C 197 6.72 -18.53 3.60
N LEU C 198 8.03 -18.31 3.64
CA LEU C 198 8.96 -19.43 3.72
C LEU C 198 9.02 -19.88 5.19
N ASP C 199 8.96 -21.18 5.44
CA ASP C 199 8.82 -21.65 6.82
C ASP C 199 10.01 -22.40 7.36
N TYR C 200 10.03 -22.56 8.67
CA TYR C 200 10.84 -23.58 9.33
C TYR C 200 9.87 -24.39 10.17
N ASN C 201 9.64 -25.65 9.78
CA ASN C 201 8.61 -26.50 10.42
C ASN C 201 7.25 -25.82 10.57
N GLU C 202 6.83 -25.11 9.53
CA GLU C 202 5.53 -24.43 9.46
C GLU C 202 5.52 -23.07 10.15
N TYR C 203 6.58 -22.76 10.89
CA TYR C 203 6.69 -21.47 11.58
C TYR C 203 7.32 -20.44 10.66
N PHE C 204 7.18 -19.17 11.01
CA PHE C 204 7.80 -18.05 10.31
C PHE C 204 7.11 -17.67 9.00
N ARG C 205 6.01 -18.32 8.66
CA ARG C 205 5.32 -17.91 7.44
C ARG C 205 4.68 -16.51 7.64
N ASP C 206 4.23 -16.27 8.87
CA ASP C 206 3.55 -15.02 9.27
C ASP C 206 4.58 -13.93 9.62
N LEU C 207 5.50 -13.72 8.70
CA LEU C 207 6.62 -12.78 8.85
C LEU C 207 6.81 -12.11 7.49
N ASN C 208 6.81 -10.78 7.45
CA ASN C 208 6.91 -10.08 6.18
C ASN C 208 8.30 -10.05 5.57
N HIS C 209 9.34 -10.05 6.41
CA HIS C 209 10.71 -9.95 5.91
C HIS C 209 11.32 -11.33 5.73
N VAL C 210 12.25 -11.45 4.79
CA VAL C 210 13.07 -12.65 4.73
C VAL C 210 14.21 -12.52 5.73
N CYS C 211 14.39 -13.57 6.54
CA CYS C 211 15.26 -13.47 7.71
C CYS C 211 15.97 -14.79 7.97
N VAL C 212 17.00 -14.71 8.82
CA VAL C 212 17.74 -15.87 9.28
C VAL C 212 17.38 -16.16 10.74
N ILE C 213 17.26 -17.43 11.09
CA ILE C 213 16.79 -17.81 12.41
C ILE C 213 17.94 -17.86 13.45
N SER C 214 17.62 -17.63 14.72
CA SER C 214 18.61 -17.62 15.78
C SER C 214 18.76 -19.07 16.28
N GLU C 215 19.75 -19.34 17.11
CA GLU C 215 19.93 -20.70 17.60
C GLU C 215 18.77 -21.05 18.51
N THR C 216 18.31 -20.07 19.27
CA THR C 216 17.16 -20.27 20.15
C THR C 216 15.88 -20.52 19.32
N GLY C 217 15.79 -19.86 18.18
CA GLY C 217 14.69 -20.09 17.27
C GLY C 217 14.70 -21.52 16.75
N LYS C 218 15.87 -21.98 16.31
CA LYS C 218 16.05 -23.34 15.78
C LYS C 218 15.65 -24.41 16.81
N ALA C 219 16.09 -24.23 18.05
CA ALA C 219 15.80 -25.22 19.09
C ALA C 219 14.34 -25.19 19.47
N LYS C 220 13.76 -23.99 19.52
CA LYS C 220 12.37 -23.83 19.93
C LYS C 220 11.43 -24.51 18.94
N TYR C 221 11.71 -24.36 17.65
CA TYR C 221 10.76 -24.77 16.62
C TYR C 221 11.20 -26.06 15.93
N LYS C 222 12.32 -26.62 16.38
CA LYS C 222 12.84 -27.86 15.81
C LYS C 222 11.78 -28.95 15.94
N ALA C 223 11.67 -29.82 14.95
CA ALA C 223 10.78 -30.96 15.06
C ALA C 223 11.57 -32.11 15.65
N SER D 10 19.44 5.49 18.56
CA SER D 10 19.80 4.76 17.35
C SER D 10 20.38 5.67 16.27
N PRO D 11 21.49 5.22 15.64
CA PRO D 11 22.11 5.93 14.51
C PRO D 11 21.38 5.64 13.20
N GLY D 12 20.35 4.77 13.24
CA GLY D 12 19.56 4.45 12.06
C GLY D 12 20.25 3.37 11.24
N VAL D 13 19.76 3.10 10.03
CA VAL D 13 20.42 2.09 9.18
C VAL D 13 21.68 2.72 8.62
N VAL D 14 22.84 2.13 8.94
CA VAL D 14 24.12 2.67 8.51
C VAL D 14 24.46 2.16 7.12
N ILE D 15 24.66 3.09 6.20
CA ILE D 15 25.06 2.76 4.84
C ILE D 15 26.53 3.09 4.68
N SER D 16 27.34 2.10 4.32
CA SER D 16 28.79 2.25 4.25
C SER D 16 29.28 3.18 3.15
N ASP D 17 30.50 3.64 3.32
CA ASP D 17 31.19 4.48 2.35
C ASP D 17 31.35 3.79 1.00
N ASP D 18 31.55 2.48 1.01
CA ASP D 18 31.74 1.74 -0.23
C ASP D 18 30.50 0.93 -0.62
N GLU D 19 29.34 1.29 -0.10
CA GLU D 19 28.10 0.69 -0.59
C GLU D 19 27.94 1.03 -2.08
N PRO D 20 27.79 0.00 -2.94
CA PRO D 20 27.63 0.25 -4.37
C PRO D 20 26.19 0.54 -4.83
N GLY D 21 25.21 0.41 -3.94
CA GLY D 21 23.82 0.55 -4.36
C GLY D 21 23.43 -0.45 -5.44
N TYR D 22 22.37 -0.14 -6.18
CA TYR D 22 21.84 -1.11 -7.15
C TYR D 22 21.82 -0.60 -8.58
N ASP D 23 22.13 -1.49 -9.52
CA ASP D 23 21.90 -1.26 -10.94
C ASP D 23 20.43 -0.84 -11.17
N LEU D 24 20.23 0.19 -11.99
CA LEU D 24 18.88 0.71 -12.24
C LEU D 24 17.96 -0.36 -12.87
N ASP D 25 18.54 -1.31 -13.58
CA ASP D 25 17.79 -2.33 -14.28
C ASP D 25 17.07 -3.33 -13.36
N LEU D 26 17.34 -3.27 -12.07
CA LEU D 26 16.76 -4.19 -11.11
C LEU D 26 15.41 -3.66 -10.65
N PHE D 27 15.16 -2.39 -10.94
CA PHE D 27 13.96 -1.70 -10.45
C PHE D 27 13.19 -1.04 -11.57
N CYS D 28 11.98 -0.59 -11.27
CA CYS D 28 11.20 0.22 -12.18
C CYS D 28 11.57 1.68 -11.92
N ILE D 29 12.08 2.36 -12.95
CA ILE D 29 12.60 3.72 -12.84
C ILE D 29 11.79 4.57 -13.82
N PRO D 30 11.48 5.82 -13.46
CA PRO D 30 10.79 6.73 -14.38
C PRO D 30 11.50 6.80 -15.71
N ASN D 31 10.75 6.61 -16.78
CA ASN D 31 11.31 6.66 -18.11
C ASN D 31 12.20 7.88 -18.36
N HIS D 32 11.72 9.06 -17.95
CA HIS D 32 12.44 10.31 -18.22
C HIS D 32 13.76 10.51 -17.45
N TYR D 33 14.05 9.68 -16.45
CA TYR D 33 15.34 9.77 -15.74
C TYR D 33 16.31 8.61 -16.09
N ALA D 34 15.97 7.79 -17.08
CA ALA D 34 16.79 6.60 -17.41
C ALA D 34 18.30 6.87 -17.56
N GLU D 35 18.65 7.99 -18.20
CA GLU D 35 20.07 8.37 -18.40
C GLU D 35 20.64 9.26 -17.31
N ASP D 36 19.78 9.73 -16.40
CA ASP D 36 20.17 10.79 -15.49
C ASP D 36 20.58 10.29 -14.10
N LEU D 37 20.42 9.00 -13.85
CA LEU D 37 20.78 8.41 -12.57
C LEU D 37 21.90 7.41 -12.79
N GLU D 38 22.68 7.15 -11.75
CA GLU D 38 23.79 6.20 -11.89
C GLU D 38 23.43 4.88 -11.22
N ARG D 39 22.91 4.97 -10.00
CA ARG D 39 22.55 3.79 -9.22
C ARG D 39 21.37 4.11 -8.34
N VAL D 40 20.62 3.08 -7.93
CA VAL D 40 19.67 3.22 -6.84
C VAL D 40 20.45 3.02 -5.55
N PHE D 41 20.26 3.92 -4.60
CA PHE D 41 21.07 3.95 -3.40
C PHE D 41 20.27 3.36 -2.23
N ILE D 42 19.04 3.83 -2.07
CA ILE D 42 18.14 3.32 -1.05
C ILE D 42 16.77 3.07 -1.70
N PRO D 43 16.41 1.80 -1.92
CA PRO D 43 15.11 1.47 -2.54
C PRO D 43 13.94 2.03 -1.75
N HIS D 44 12.90 2.50 -2.43
CA HIS D 44 11.68 3.01 -1.79
C HIS D 44 11.14 2.07 -0.70
N GLY D 45 11.11 0.77 -0.99
CA GLY D 45 10.59 -0.21 -0.04
C GLY D 45 11.37 -0.26 1.28
N LEU D 46 12.69 -0.18 1.18
CA LEU D 46 13.55 -0.13 2.36
C LEU D 46 13.21 1.11 3.22
N ILE D 47 13.03 2.25 2.56
CA ILE D 47 12.62 3.49 3.22
C ILE D 47 11.31 3.32 3.98
N MET D 48 10.36 2.64 3.34
CA MET D 48 9.07 2.40 3.97
C MET D 48 9.20 1.49 5.20
N ASP D 49 9.93 0.40 5.06
CA ASP D 49 10.15 -0.52 6.18
C ASP D 49 10.78 0.21 7.37
N ARG D 50 11.79 1.04 7.10
CA ARG D 50 12.46 1.80 8.15
C ARG D 50 11.51 2.85 8.74
N THR D 51 10.71 3.46 7.87
CA THR D 51 9.76 4.49 8.31
C THR D 51 8.69 3.94 9.27
N GLU D 52 8.21 2.74 8.97
CA GLU D 52 7.26 2.07 9.87
C GLU D 52 7.82 1.92 11.29
N ARG D 53 9.08 1.52 11.40
CA ARG D 53 9.73 1.40 12.71
C ARG D 53 9.93 2.76 13.38
N LEU D 54 10.33 3.76 12.59
CA LEU D 54 10.41 5.12 13.10
C LEU D 54 9.08 5.59 13.71
N ALA D 55 7.96 5.32 13.02
CA ALA D 55 6.65 5.74 13.52
C ALA D 55 6.42 5.19 14.94
N ARG D 56 6.75 3.91 15.10
CA ARG D 56 6.56 3.27 16.42
C ARG D 56 7.45 3.95 17.47
N ASP D 57 8.70 4.24 17.11
CA ASP D 57 9.62 4.94 18.02
C ASP D 57 9.11 6.33 18.39
N VAL D 58 8.59 7.04 17.40
CA VAL D 58 8.00 8.36 17.65
C VAL D 58 6.85 8.26 18.66
N MET D 59 5.91 7.35 18.44
CA MET D 59 4.76 7.27 19.33
C MET D 59 5.18 6.83 20.74
N LYS D 60 6.24 6.04 20.83
CA LYS D 60 6.72 5.60 22.13
C LYS D 60 7.25 6.79 22.93
N GLU D 61 7.89 7.75 22.26
CA GLU D 61 8.44 8.88 22.98
C GLU D 61 7.46 10.05 23.09
N MET D 62 6.66 10.25 22.06
CA MET D 62 5.90 11.50 21.96
C MET D 62 4.40 11.30 22.11
N GLY D 63 3.99 10.05 22.27
CA GLY D 63 2.57 9.74 22.20
C GLY D 63 1.75 10.09 23.43
N GLY D 64 2.37 10.74 24.41
CA GLY D 64 1.69 11.07 25.64
C GLY D 64 0.92 12.38 25.62
N HIS D 65 1.10 13.18 24.58
CA HIS D 65 0.48 14.49 24.56
C HIS D 65 0.29 14.89 23.10
N HIS D 66 -0.62 15.83 22.87
CA HIS D 66 -0.92 16.36 21.55
C HIS D 66 0.37 16.69 20.78
N ILE D 67 0.54 16.07 19.63
CA ILE D 67 1.73 16.23 18.81
C ILE D 67 1.44 17.22 17.67
N VAL D 68 2.34 18.15 17.44
CA VAL D 68 2.24 19.00 16.25
C VAL D 68 3.35 18.56 15.30
N ALA D 69 2.99 18.02 14.14
CA ALA D 69 4.01 17.59 13.17
C ALA D 69 4.28 18.70 12.17
N LEU D 70 5.55 19.07 12.08
CA LEU D 70 6.01 20.18 11.27
C LEU D 70 6.81 19.63 10.10
N CYS D 71 6.32 19.86 8.91
CA CYS D 71 6.98 19.33 7.74
C CYS D 71 7.87 20.41 7.13
N VAL D 72 9.17 20.13 7.01
CA VAL D 72 10.05 21.06 6.32
C VAL D 72 10.06 20.85 4.80
N LEU D 73 9.31 21.70 4.09
CA LEU D 73 9.19 21.70 2.63
C LEU D 73 10.50 22.15 1.99
N LYS D 74 10.74 21.79 0.73
CA LYS D 74 9.85 20.91 -0.04
C LYS D 74 10.26 19.44 0.18
N GLY D 75 11.55 19.22 0.43
CA GLY D 75 12.11 17.87 0.42
C GLY D 75 11.60 16.91 1.47
N GLY D 76 11.05 17.45 2.55
CA GLY D 76 10.54 16.57 3.60
C GLY D 76 9.14 16.04 3.33
N TYR D 77 8.53 16.43 2.20
CA TYR D 77 7.10 16.15 2.02
C TYR D 77 6.75 14.65 1.91
N LYS D 78 7.52 13.88 1.15
CA LYS D 78 7.23 12.45 1.04
C LYS D 78 7.47 11.70 2.36
N PHE D 79 8.60 11.97 3.02
CA PHE D 79 8.89 11.34 4.31
C PHE D 79 7.80 11.68 5.35
N PHE D 80 7.40 12.95 5.36
CA PHE D 80 6.32 13.45 6.22
C PHE D 80 4.98 12.70 5.98
N ALA D 81 4.56 12.64 4.72
CA ALA D 81 3.28 11.98 4.39
C ALA D 81 3.31 10.50 4.85
N ASP D 82 4.41 9.82 4.54
CA ASP D 82 4.55 8.40 4.87
C ASP D 82 4.70 8.18 6.36
N LEU D 83 5.57 8.98 7.03
CA LEU D 83 5.73 8.86 8.47
C LEU D 83 4.41 9.04 9.20
N LEU D 84 3.65 10.08 8.83
CA LEU D 84 2.34 10.33 9.44
C LEU D 84 1.31 9.21 9.14
N ASP D 85 1.33 8.66 7.92
CA ASP D 85 0.42 7.54 7.60
C ASP D 85 0.66 6.38 8.56
N TYR D 86 1.94 6.11 8.84
CA TYR D 86 2.27 5.00 9.74
C TYR D 86 1.86 5.34 11.17
N ILE D 87 1.99 6.61 11.54
CA ILE D 87 1.60 7.04 12.88
C ILE D 87 0.08 6.93 12.99
N LYS D 88 -0.64 7.37 11.96
CA LYS D 88 -2.10 7.25 12.00
C LYS D 88 -2.54 5.79 12.12
N ALA D 89 -1.84 4.90 11.43
CA ALA D 89 -2.17 3.47 11.48
C ALA D 89 -2.02 2.97 12.92
N LEU D 90 -0.96 3.42 13.60
CA LEU D 90 -0.77 3.05 14.99
C LEU D 90 -1.96 3.54 15.83
N ASN D 91 -2.35 4.78 15.60
CA ASN D 91 -3.41 5.43 16.38
C ASN D 91 -4.81 4.88 16.16
N ARG D 92 -5.03 4.09 15.11
CA ARG D 92 -6.38 3.55 14.91
C ARG D 92 -6.45 2.04 15.15
N ASN D 93 -5.38 1.43 15.60
CA ASN D 93 -5.44 0.00 15.79
C ASN D 93 -5.35 -0.42 17.27
N SER D 94 -5.39 0.59 18.13
CA SER D 94 -5.58 0.41 19.57
C SER D 94 -6.78 1.22 20.10
N ASP D 95 -6.94 1.25 21.42
CA ASP D 95 -7.90 2.14 22.08
C ASP D 95 -7.19 3.38 22.64
N ARG D 96 -5.86 3.38 22.57
CA ARG D 96 -5.07 4.50 23.04
C ARG D 96 -4.46 5.29 21.89
N SER D 97 -4.81 6.58 21.83
CA SER D 97 -4.30 7.48 20.79
C SER D 97 -4.26 8.92 21.30
N ILE D 98 -3.59 9.79 20.56
CA ILE D 98 -3.59 11.23 20.84
C ILE D 98 -3.81 12.00 19.55
N PRO D 99 -4.44 13.17 19.65
CA PRO D 99 -4.56 14.06 18.47
C PRO D 99 -3.22 14.52 17.93
N MET D 100 -3.17 14.66 16.61
CA MET D 100 -2.02 15.22 15.94
C MET D 100 -2.55 16.29 15.01
N THR D 101 -1.87 17.43 15.00
CA THR D 101 -2.15 18.45 14.00
C THR D 101 -0.87 18.64 13.19
N VAL D 102 -1.00 19.28 12.02
CA VAL D 102 0.15 19.42 11.14
C VAL D 102 0.40 20.86 10.68
N ASP D 103 1.66 21.17 10.44
CA ASP D 103 2.02 22.43 9.83
C ASP D 103 3.15 22.22 8.82
N PHE D 104 3.26 23.16 7.89
CA PHE D 104 4.24 23.12 6.81
C PHE D 104 5.03 24.43 6.79
N ILE D 105 6.36 24.32 6.85
CA ILE D 105 7.22 25.50 6.74
C ILE D 105 8.31 25.33 5.68
N ARG D 106 8.75 26.46 5.13
CA ARG D 106 9.93 26.48 4.29
C ARG D 106 10.98 27.34 5.01
N LEU D 107 12.25 26.99 4.89
CA LEU D 107 13.31 27.70 5.60
C LEU D 107 14.10 28.57 4.64
N LYS D 108 14.27 29.86 4.98
CA LYS D 108 14.96 30.83 4.12
C LYS D 108 16.45 30.87 4.39
N ILE D 119 17.40 31.86 9.40
CA ILE D 119 16.54 31.75 10.59
C ILE D 119 15.12 32.26 10.31
N LYS D 120 14.79 32.49 9.04
CA LYS D 120 13.45 32.93 8.66
C LYS D 120 12.60 31.75 8.22
N VAL D 121 11.53 31.50 8.97
CA VAL D 121 10.55 30.46 8.68
C VAL D 121 9.45 31.03 7.76
N ILE D 122 9.34 30.49 6.56
CA ILE D 122 8.32 30.93 5.61
C ILE D 122 7.09 30.03 5.63
N GLY D 123 5.92 30.66 5.73
CA GLY D 123 4.65 30.04 5.37
C GLY D 123 3.93 29.15 6.37
N GLY D 124 4.30 29.20 7.64
CA GLY D 124 3.61 28.40 8.65
C GLY D 124 2.58 29.17 9.49
N ASP D 125 2.03 28.50 10.51
CA ASP D 125 1.19 29.19 11.48
C ASP D 125 2.07 29.93 12.51
N ASP D 126 1.47 30.83 13.28
CA ASP D 126 2.21 31.53 14.32
C ASP D 126 2.93 30.52 15.22
N LEU D 127 4.18 30.77 15.53
CA LEU D 127 4.93 29.80 16.32
C LEU D 127 4.35 29.62 17.73
N SER D 128 3.55 30.59 18.18
CA SER D 128 2.83 30.48 19.45
C SER D 128 1.93 29.25 19.48
N THR D 129 1.58 28.73 18.30
CA THR D 129 0.75 27.54 18.24
C THR D 129 1.54 26.31 18.69
N LEU D 130 2.85 26.47 18.86
CA LEU D 130 3.71 25.37 19.29
C LEU D 130 3.80 25.30 20.83
N THR D 131 3.46 26.40 21.48
CA THR D 131 3.57 26.47 22.95
C THR D 131 2.80 25.34 23.61
N GLY D 132 3.49 24.55 24.43
CA GLY D 132 2.86 23.53 25.24
C GLY D 132 2.58 22.21 24.51
N LYS D 133 3.10 22.08 23.29
CA LYS D 133 2.83 20.88 22.48
C LYS D 133 4.06 20.01 22.33
N ASN D 134 3.86 18.75 21.97
CA ASN D 134 4.95 17.90 21.53
C ASN D 134 5.19 18.14 20.04
N VAL D 135 6.29 18.82 19.72
CA VAL D 135 6.54 19.22 18.35
C VAL D 135 7.52 18.23 17.71
N LEU D 136 7.14 17.71 16.56
CA LEU D 136 7.97 16.77 15.81
C LEU D 136 8.30 17.49 14.51
N ILE D 137 9.58 17.78 14.31
CA ILE D 137 10.02 18.41 13.08
C ILE D 137 10.47 17.33 12.14
N VAL D 138 9.97 17.35 10.91
CA VAL D 138 10.29 16.29 9.97
C VAL D 138 11.09 16.81 8.80
N GLU D 139 12.27 16.22 8.57
CA GLU D 139 13.23 16.75 7.62
C GLU D 139 13.64 15.63 6.66
N ASP D 140 14.09 15.98 5.45
CA ASP D 140 14.60 14.99 4.51
C ASP D 140 16.01 14.57 4.84
N ILE D 141 16.87 15.54 5.12
CA ILE D 141 18.27 15.24 5.36
C ILE D 141 18.95 16.27 6.26
N ILE D 142 19.84 15.78 7.10
CA ILE D 142 20.72 16.62 7.88
C ILE D 142 22.12 16.40 7.35
N ASP D 143 22.83 17.48 7.08
CA ASP D 143 24.18 17.39 6.55
C ASP D 143 25.10 18.05 7.57
N THR D 144 25.31 19.37 7.44
CA THR D 144 26.11 20.09 8.43
C THR D 144 25.35 20.17 9.74
N GLY D 145 24.03 20.24 9.62
CA GLY D 145 23.16 20.28 10.77
C GLY D 145 22.88 21.71 11.21
N LYS D 146 23.39 22.66 10.45
CA LYS D 146 23.33 24.07 10.87
C LYS D 146 21.91 24.55 10.87
N THR D 147 21.16 24.13 9.86
CA THR D 147 19.78 24.54 9.71
C THR D 147 18.91 24.06 10.87
N MET D 148 19.04 22.79 11.25
CA MET D 148 18.20 22.28 12.33
C MET D 148 18.51 22.96 13.67
N GLN D 149 19.80 23.07 14.00
CA GLN D 149 20.21 23.74 15.24
C GLN D 149 19.63 25.14 15.33
N THR D 150 19.73 25.89 14.23
CA THR D 150 19.20 27.23 14.21
C THR D 150 17.66 27.19 14.39
N LEU D 151 17.00 26.33 13.62
CA LEU D 151 15.54 26.16 13.77
C LEU D 151 15.17 25.83 15.22
N LEU D 152 15.83 24.82 15.76
CA LEU D 152 15.58 24.43 17.15
C LEU D 152 15.71 25.61 18.13
N SER D 153 16.80 26.39 18.03
CA SER D 153 17.01 27.53 18.91
C SER D 153 15.83 28.51 18.87
N LEU D 154 15.23 28.65 17.70
CA LEU D 154 14.06 29.52 17.58
C LEU D 154 12.83 28.86 18.24
N VAL D 155 12.54 27.62 17.85
CA VAL D 155 11.34 26.92 18.31
C VAL D 155 11.29 26.85 19.84
N ARG D 156 12.45 26.64 20.47
CA ARG D 156 12.46 26.49 21.93
C ARG D 156 11.98 27.76 22.63
N GLN D 157 12.13 28.91 21.97
CA GLN D 157 11.69 30.17 22.58
C GLN D 157 10.16 30.31 22.64
N TYR D 158 9.43 29.34 22.06
CA TYR D 158 7.97 29.30 22.18
C TYR D 158 7.49 28.28 23.22
N ASN D 159 8.44 27.68 23.94
CA ASN D 159 8.15 26.77 25.05
C ASN D 159 7.22 25.62 24.63
N PRO D 160 7.66 24.83 23.64
CA PRO D 160 6.90 23.61 23.37
C PRO D 160 7.04 22.69 24.59
N LYS D 161 6.11 21.77 24.80
CA LYS D 161 6.30 20.77 25.85
C LYS D 161 7.57 19.95 25.56
N MET D 162 7.88 19.79 24.28
CA MET D 162 9.02 18.96 23.87
C MET D 162 9.22 19.23 22.37
N VAL D 163 10.46 19.16 21.88
CA VAL D 163 10.71 19.24 20.43
C VAL D 163 11.65 18.13 20.07
N LYS D 164 11.28 17.32 19.06
CA LYS D 164 12.13 16.23 18.58
C LYS D 164 12.24 16.39 17.08
N VAL D 165 13.29 15.82 16.48
CA VAL D 165 13.48 15.94 15.04
C VAL D 165 13.62 14.55 14.45
N ALA D 166 12.82 14.25 13.43
CA ALA D 166 13.01 13.03 12.63
C ALA D 166 13.58 13.43 11.28
N SER D 167 14.62 12.73 10.82
CA SER D 167 15.24 13.03 9.54
C SER D 167 15.42 11.70 8.82
N LEU D 168 15.01 11.64 7.57
CA LEU D 168 15.15 10.39 6.82
C LEU D 168 16.63 10.02 6.71
N LEU D 169 17.45 11.00 6.37
CA LEU D 169 18.88 10.79 6.13
C LEU D 169 19.71 11.70 7.01
N VAL D 170 20.87 11.18 7.46
CA VAL D 170 21.85 11.97 8.15
C VAL D 170 23.19 11.65 7.53
N LYS D 171 23.93 12.68 7.13
CA LYS D 171 25.22 12.43 6.46
C LYS D 171 26.37 12.32 7.46
N ARG D 172 27.29 11.40 7.22
CA ARG D 172 28.53 11.38 7.97
C ARG D 172 29.45 12.40 7.31
N THR D 173 29.81 13.44 8.05
CA THR D 173 30.66 14.48 7.48
C THR D 173 31.47 15.20 8.55
N PRO D 174 32.73 15.53 8.22
CA PRO D 174 33.60 16.20 9.20
C PRO D 174 33.18 17.65 9.32
N ARG D 175 32.32 18.06 8.39
CA ARG D 175 31.73 19.40 8.36
C ARG D 175 30.56 19.52 9.34
N SER D 176 30.31 18.47 10.11
CA SER D 176 29.16 18.45 10.98
C SER D 176 29.34 19.43 12.13
N VAL D 177 28.25 20.07 12.53
CA VAL D 177 28.27 20.97 13.67
C VAL D 177 28.02 20.16 14.93
N GLY D 178 27.91 18.84 14.77
CA GLY D 178 27.67 17.96 15.90
C GLY D 178 26.21 17.79 16.27
N TYR D 179 25.29 18.21 15.40
CA TYR D 179 23.88 17.99 15.69
C TYR D 179 23.44 16.57 15.31
N LYS D 180 22.71 15.92 16.21
CA LYS D 180 22.18 14.58 15.97
C LYS D 180 20.67 14.55 16.22
N PRO D 181 19.89 14.22 15.17
CA PRO D 181 18.43 14.22 15.34
C PRO D 181 17.99 13.08 16.27
N ASP D 182 16.76 13.14 16.73
CA ASP D 182 16.22 12.12 17.62
C ASP D 182 15.82 10.83 16.93
N PHE D 183 15.31 10.95 15.70
CA PHE D 183 14.87 9.78 14.93
C PHE D 183 15.59 9.86 13.58
N VAL D 184 16.31 8.82 13.23
CA VAL D 184 17.12 8.85 12.02
C VAL D 184 16.77 7.65 11.17
N GLY D 185 16.41 7.90 9.91
CA GLY D 185 16.15 6.81 8.99
C GLY D 185 17.43 6.07 8.61
N PHE D 186 18.32 6.78 7.90
CA PHE D 186 19.57 6.19 7.42
C PHE D 186 20.77 7.13 7.64
N GLU D 187 21.93 6.56 7.95
CA GLU D 187 23.16 7.36 8.05
C GLU D 187 24.00 7.05 6.83
N ILE D 188 24.17 8.05 5.98
CA ILE D 188 24.78 7.85 4.67
C ILE D 188 26.15 8.50 4.55
N PRO D 189 26.93 8.07 3.55
CA PRO D 189 28.21 8.70 3.27
C PRO D 189 27.99 10.11 2.72
N ASP D 190 29.07 10.87 2.65
CA ASP D 190 29.08 12.21 2.08
C ASP D 190 28.96 12.15 0.56
N LYS D 191 27.79 11.74 0.07
CA LYS D 191 27.52 11.66 -1.37
C LYS D 191 26.27 12.52 -1.62
N PHE D 192 26.16 13.10 -2.83
CA PHE D 192 24.95 13.88 -3.13
C PHE D 192 23.83 12.99 -3.67
N VAL D 193 22.69 12.96 -2.98
CA VAL D 193 21.62 12.04 -3.35
C VAL D 193 20.35 12.80 -3.69
N VAL D 194 19.49 12.15 -4.49
CA VAL D 194 18.20 12.72 -4.90
C VAL D 194 17.13 11.65 -4.82
N GLY D 195 15.87 12.02 -5.03
CA GLY D 195 14.80 11.06 -5.01
C GLY D 195 14.06 11.09 -3.67
N TYR D 196 12.88 10.49 -3.64
CA TYR D 196 12.00 10.48 -2.48
C TYR D 196 11.82 11.94 -1.99
N ALA D 197 11.64 12.83 -2.97
CA ALA D 197 11.41 14.27 -2.78
C ALA D 197 12.65 15.16 -2.62
N LEU D 198 13.84 14.55 -2.49
CA LEU D 198 15.09 15.31 -2.49
C LEU D 198 15.41 15.67 -3.94
N ASP D 199 15.85 16.90 -4.17
CA ASP D 199 16.00 17.39 -5.53
C ASP D 199 17.42 17.77 -5.90
N TYR D 200 17.63 17.92 -7.20
CA TYR D 200 18.76 18.62 -7.76
C TYR D 200 18.14 19.70 -8.67
N ASN D 201 18.24 20.96 -8.24
CA ASN D 201 17.63 22.07 -8.97
C ASN D 201 16.15 21.82 -9.33
N GLU D 202 15.40 21.31 -8.35
CA GLU D 202 13.95 21.04 -8.44
C GLU D 202 13.59 19.72 -9.14
N TYR D 203 14.57 19.12 -9.80
CA TYR D 203 14.38 17.82 -10.45
C TYR D 203 14.60 16.63 -9.52
N PHE D 204 14.06 15.48 -9.91
CA PHE D 204 14.21 14.23 -9.20
C PHE D 204 13.34 14.13 -7.97
N ARG D 205 12.46 15.11 -7.75
CA ARG D 205 11.53 14.93 -6.63
C ARG D 205 10.52 13.81 -6.93
N ASP D 206 10.18 13.65 -8.21
CA ASP D 206 9.17 12.68 -8.65
C ASP D 206 9.78 11.29 -8.92
N LEU D 207 10.41 10.74 -7.91
CA LEU D 207 11.20 9.52 -7.98
C LEU D 207 11.05 8.92 -6.59
N ASN D 208 10.68 7.65 -6.52
CA ASN D 208 10.40 6.93 -5.27
C ASN D 208 11.64 6.48 -4.54
N HIS D 209 12.71 6.19 -5.27
CA HIS D 209 13.93 5.72 -4.62
C HIS D 209 14.90 6.86 -4.39
N VAL D 210 15.75 6.70 -3.40
CA VAL D 210 16.88 7.60 -3.25
C VAL D 210 18.01 7.06 -4.11
N CYS D 211 18.62 7.93 -4.91
CA CYS D 211 19.57 7.51 -5.92
C CYS D 211 20.69 8.53 -6.05
N VAL D 212 21.69 8.17 -6.83
CA VAL D 212 22.79 9.05 -7.14
C VAL D 212 22.67 9.47 -8.60
N ILE D 213 22.88 10.75 -8.89
CA ILE D 213 22.81 11.25 -10.27
C ILE D 213 23.99 10.78 -11.16
N SER D 214 23.76 10.67 -12.47
CA SER D 214 24.83 10.36 -13.39
C SER D 214 25.50 11.66 -13.83
N GLU D 215 26.62 11.56 -14.54
CA GLU D 215 27.30 12.74 -15.00
C GLU D 215 26.43 13.49 -16.00
N THR D 216 25.76 12.74 -16.86
CA THR D 216 24.89 13.33 -17.87
C THR D 216 23.68 14.01 -17.21
N GLY D 217 23.13 13.39 -16.17
CA GLY D 217 22.02 14.00 -15.44
C GLY D 217 22.41 15.31 -14.78
N LYS D 218 23.65 15.36 -14.28
CA LYS D 218 24.11 16.51 -13.52
C LYS D 218 24.35 17.71 -14.43
N ALA D 219 24.75 17.43 -15.67
CA ALA D 219 25.01 18.48 -16.64
C ALA D 219 23.69 18.91 -17.30
N LYS D 220 22.79 17.95 -17.51
CA LYS D 220 21.51 18.21 -18.15
C LYS D 220 20.63 19.12 -17.30
N TYR D 221 20.67 18.91 -15.98
CA TYR D 221 19.79 19.66 -15.08
C TYR D 221 20.52 20.76 -14.30
N LYS D 222 21.80 20.98 -14.59
CA LYS D 222 22.57 22.00 -13.88
C LYS D 222 21.92 23.37 -14.04
N ALA D 223 21.95 24.14 -12.97
CA ALA D 223 21.27 25.43 -12.93
C ALA D 223 22.09 26.51 -13.62
#